data_6TFX
#
_entry.id   6TFX
#
_cell.length_a   63.050
_cell.length_b   77.930
_cell.length_c   104.040
_cell.angle_alpha   90.000
_cell.angle_beta   107.460
_cell.angle_gamma   90.000
#
_symmetry.space_group_name_H-M   'P 1 21 1'
#
loop_
_entity.id
_entity.type
_entity.pdbx_description
1 polymer 'ABC transporter substrate-binding protein'
2 non-polymer '(2~{R})-2-[[(3~{R},4~{R},5~{S})-3,4,5,6-tetrakis(oxidanyl)-2-oxidanylidene-hexyl]amino]pentanedioic acid'
3 non-polymer 1,2-ETHANEDIOL
4 non-polymer DI(HYDROXYETHYL)ETHER
5 non-polymer 'MAGNESIUM ION'
6 water water
#
_entity_poly.entity_id   1
_entity_poly.type   'polypeptide(L)'
_entity_poly.pdbx_seq_one_letter_code
;MAKTELSMGVASEDVTTLDPHFATTTSDRTLVSYIYGALVRFAPGSANPSSIEADLAESWESNADQLVWTFKLRPDVKWQ
GGYGNVTADDVVFSLDKARDPKRSAFSGDYAAIQKVEAVDAKTVRITLTRRVPSLLALLSNFSGGFIIPKKAFKERGDDF
KRRPVGFGPFQVESIQPGQSVTLTANAEYFRGKPKLSKISYRFLNNEAARDLAFESGELDVEQGNQDQRWLQRLTANPEN
VVDTIEPAELNLLHINITKPPFNDIRVRQALAHTVNAAQIAKYRGERVNRAVPSVIPSNNLGFDPDAGVLNYDPAQSKKL
LAEAGFPNGVTVTMVASQLPGLESLAQLIQAQVAEGGFTLNLQPVEHAAWHQMIRKDLSPIVLYGAARFPIADYYLTQFY
HSASEIGKPTQVVNFSHCNVADKQIEAARTETDPNKQIELWKEAQKLIVSNVCAIPLTENLGTWARKNKLGWGFELKGSM
PSAPLITEQTYFKDHHHHHH
;
_entity_poly.pdbx_strand_id   A,B
#
# COMPACT_ATOMS: atom_id res chain seq x y z
N ALA A 2 8.34 -5.83 43.08
CA ALA A 2 7.63 -4.92 43.98
C ALA A 2 6.20 -5.43 44.24
N LYS A 3 5.22 -4.51 44.30
CA LYS A 3 3.80 -4.84 44.47
C LYS A 3 3.31 -5.70 43.29
N THR A 4 2.15 -6.33 43.45
CA THR A 4 1.59 -7.19 42.41
C THR A 4 0.14 -6.79 42.03
N GLU A 5 -0.37 -5.67 42.58
CA GLU A 5 -1.72 -5.20 42.28
C GLU A 5 -1.63 -3.95 41.40
N LEU A 6 -2.28 -4.00 40.22
CA LEU A 6 -2.29 -2.89 39.26
CA LEU A 6 -2.30 -2.91 39.22
CA LEU A 6 -2.29 -2.89 39.26
C LEU A 6 -3.66 -2.21 39.27
N SER A 7 -3.68 -0.87 39.44
CA SER A 7 -4.91 -0.10 39.41
C SER A 7 -4.88 0.75 38.14
N MET A 8 -5.97 0.71 37.36
CA MET A 8 -6.05 1.51 36.13
C MET A 8 -7.36 2.24 36.02
N GLY A 9 -7.30 3.49 35.57
CA GLY A 9 -8.47 4.34 35.43
C GLY A 9 -8.79 4.54 33.97
N VAL A 10 -10.04 4.28 33.58
CA VAL A 10 -10.44 4.32 32.17
C VAL A 10 -11.60 5.26 31.93
N ALA A 11 -11.76 5.69 30.66
CA ALA A 11 -12.84 6.59 30.24
C ALA A 11 -14.03 5.74 29.85
N SER A 12 -14.70 5.23 30.86
CA SER A 12 -15.91 4.40 30.71
C SER A 12 -16.71 4.53 31.97
N GLU A 13 -18.03 4.34 31.86
CA GLU A 13 -18.94 4.41 33.00
C GLU A 13 -19.26 3.04 33.57
N ASP A 14 -19.14 1.95 32.75
CA ASP A 14 -19.48 0.60 33.24
C ASP A 14 -19.14 -0.44 32.18
N VAL A 15 -19.30 -1.72 32.54
CA VAL A 15 -19.19 -2.88 31.66
C VAL A 15 -20.52 -2.96 30.92
N THR A 16 -20.52 -3.25 29.61
CA THR A 16 -21.76 -3.52 28.89
C THR A 16 -21.78 -5.02 28.58
N THR A 17 -20.75 -5.51 27.86
CA THR A 17 -20.71 -6.94 27.56
C THR A 17 -19.31 -7.45 27.52
N LEU A 18 -19.10 -8.61 28.18
CA LEU A 18 -17.81 -9.27 28.15
C LEU A 18 -17.90 -10.56 27.32
N ASP A 19 -18.97 -10.67 26.46
CA ASP A 19 -19.02 -11.74 25.47
C ASP A 19 -18.17 -11.15 24.33
N PRO A 20 -17.05 -11.80 23.95
CA PRO A 20 -16.19 -11.21 22.92
C PRO A 20 -16.84 -11.04 21.56
N HIS A 21 -17.93 -11.81 21.31
CA HIS A 21 -18.61 -11.67 20.01
C HIS A 21 -19.47 -10.41 19.92
N PHE A 22 -19.61 -9.66 21.05
CA PHE A 22 -20.40 -8.42 21.10
C PHE A 22 -19.61 -7.22 21.60
N ALA A 23 -18.53 -7.45 22.37
CA ALA A 23 -17.79 -6.33 22.96
C ALA A 23 -17.28 -5.40 21.86
N THR A 24 -17.72 -4.13 21.91
CA THR A 24 -17.46 -3.12 20.88
C THR A 24 -16.80 -1.86 21.41
N THR A 25 -17.23 -1.37 22.60
CA THR A 25 -16.59 -0.15 23.12
C THR A 25 -15.13 -0.45 23.44
N THR A 26 -14.28 0.58 23.43
CA THR A 26 -12.86 0.33 23.77
C THR A 26 -12.75 -0.35 25.14
N SER A 27 -13.54 0.12 26.13
CA SER A 27 -13.42 -0.45 27.48
C SER A 27 -13.78 -1.93 27.51
N ASP A 28 -14.88 -2.32 26.86
CA ASP A 28 -15.26 -3.76 26.86
C ASP A 28 -14.22 -4.56 26.07
N ARG A 29 -13.72 -4.02 24.92
CA ARG A 29 -12.71 -4.75 24.14
C ARG A 29 -11.41 -4.91 24.95
N THR A 30 -11.06 -3.89 25.76
CA THR A 30 -9.83 -3.92 26.57
C THR A 30 -9.95 -5.06 27.60
N LEU A 31 -11.06 -5.11 28.35
CA LEU A 31 -11.27 -6.16 29.33
C LEU A 31 -11.23 -7.54 28.66
N VAL A 32 -11.92 -7.68 27.50
CA VAL A 32 -11.92 -8.95 26.76
C VAL A 32 -10.49 -9.39 26.41
N SER A 33 -9.61 -8.43 26.04
CA SER A 33 -8.23 -8.76 25.67
C SER A 33 -7.40 -9.27 26.86
N TYR A 34 -7.90 -9.07 28.09
CA TYR A 34 -7.15 -9.56 29.28
C TYR A 34 -7.69 -10.94 29.72
N ILE A 35 -8.95 -11.23 29.39
CA ILE A 35 -9.64 -12.44 29.84
C ILE A 35 -9.52 -13.60 28.90
N TYR A 36 -9.58 -13.32 27.56
CA TYR A 36 -9.62 -14.38 26.57
C TYR A 36 -8.36 -14.46 25.72
N GLY A 37 -8.27 -15.59 25.03
CA GLY A 37 -7.27 -15.85 23.98
C GLY A 37 -7.96 -16.38 22.74
N ALA A 38 -7.18 -16.75 21.73
CA ALA A 38 -7.73 -17.23 20.48
C ALA A 38 -6.86 -18.37 19.94
N LEU A 39 -7.16 -18.87 18.71
CA LEU A 39 -6.29 -19.88 18.11
C LEU A 39 -4.86 -19.31 17.92
N VAL A 40 -4.79 -18.06 17.45
CA VAL A 40 -3.50 -17.36 17.21
C VAL A 40 -3.62 -15.97 17.82
N ARG A 41 -2.50 -15.21 17.88
CA ARG A 41 -2.67 -13.90 18.47
C ARG A 41 -1.72 -12.94 17.85
N PHE A 42 -2.03 -11.66 17.95
CA PHE A 42 -1.07 -10.62 17.58
C PHE A 42 0.06 -10.74 18.62
N ALA A 43 1.30 -10.42 18.25
CA ALA A 43 2.37 -10.41 19.25
C ALA A 43 2.01 -9.33 20.27
N PRO A 44 2.22 -9.61 21.57
CA PRO A 44 1.96 -8.57 22.58
C PRO A 44 2.74 -7.29 22.22
N GLY A 45 2.02 -6.18 22.21
CA GLY A 45 2.59 -4.89 21.86
C GLY A 45 2.55 -4.53 20.38
N SER A 46 1.96 -5.41 19.54
CA SER A 46 1.77 -5.14 18.12
C SER A 46 0.29 -5.17 17.73
N ALA A 47 -0.09 -4.26 16.81
CA ALA A 47 -1.44 -4.25 16.22
C ALA A 47 -1.32 -4.67 14.76
N ASN A 48 -0.12 -5.16 14.35
CA ASN A 48 0.07 -5.52 12.95
C ASN A 48 -0.17 -7.01 12.74
N PRO A 49 -1.07 -7.41 11.79
CA PRO A 49 -1.27 -8.86 11.53
C PRO A 49 0.03 -9.57 11.12
N SER A 50 1.06 -8.82 10.68
CA SER A 50 2.35 -9.44 10.32
C SER A 50 2.95 -10.18 11.51
N SER A 51 2.61 -9.73 12.73
CA SER A 51 3.17 -10.28 13.97
C SER A 51 2.47 -11.55 14.50
N ILE A 52 1.38 -11.97 13.84
CA ILE A 52 0.55 -13.06 14.38
C ILE A 52 1.38 -14.31 14.64
N GLU A 53 1.15 -14.89 15.84
CA GLU A 53 1.91 -16.04 16.34
C GLU A 53 0.95 -17.05 17.03
N ALA A 54 1.47 -18.23 17.38
CA ALA A 54 0.65 -19.25 18.06
C ALA A 54 0.04 -18.77 19.39
N ASP A 55 -1.19 -19.24 19.72
CA ASP A 55 -1.84 -18.94 21.01
C ASP A 55 -2.41 -20.30 21.46
N LEU A 56 -3.75 -20.53 21.36
CA LEU A 56 -4.28 -21.87 21.70
C LEU A 56 -3.75 -22.93 20.73
N ALA A 57 -3.63 -22.57 19.43
CA ALA A 57 -3.09 -23.50 18.41
C ALA A 57 -1.56 -23.50 18.53
N GLU A 58 -0.95 -24.67 18.68
CA GLU A 58 0.52 -24.69 18.74
C GLU A 58 1.11 -24.69 17.32
N SER A 59 0.34 -25.18 16.32
CA SER A 59 0.78 -25.23 14.93
C SER A 59 -0.42 -25.32 14.02
N TRP A 60 -0.21 -25.04 12.73
CA TRP A 60 -1.28 -25.13 11.76
C TRP A 60 -0.70 -25.30 10.40
N GLU A 61 -1.53 -25.77 9.47
CA GLU A 61 -1.13 -25.95 8.09
C GLU A 61 -2.33 -25.82 7.20
N SER A 62 -2.08 -25.49 5.93
CA SER A 62 -3.16 -25.44 4.96
C SER A 62 -2.85 -26.41 3.85
N ASN A 63 -3.89 -26.83 3.11
CA ASN A 63 -3.69 -27.66 1.92
C ASN A 63 -3.18 -26.73 0.79
N ALA A 64 -2.79 -27.31 -0.37
CA ALA A 64 -2.22 -26.52 -1.47
C ALA A 64 -3.11 -25.33 -1.89
N ASP A 65 -4.43 -25.55 -2.04
CA ASP A 65 -5.30 -24.47 -2.49
C ASP A 65 -5.67 -23.48 -1.40
N GLN A 66 -5.21 -23.72 -0.15
CA GLN A 66 -5.47 -22.83 0.99
C GLN A 66 -6.95 -22.66 1.29
N LEU A 67 -7.72 -23.71 1.01
CA LEU A 67 -9.14 -23.70 1.35
C LEU A 67 -9.39 -24.52 2.62
N VAL A 68 -8.46 -25.39 2.99
CA VAL A 68 -8.64 -26.24 4.18
C VAL A 68 -7.47 -26.01 5.09
N TRP A 69 -7.75 -25.52 6.29
CA TRP A 69 -6.74 -25.21 7.32
C TRP A 69 -6.92 -26.13 8.51
N THR A 70 -5.81 -26.72 8.97
CA THR A 70 -5.87 -27.64 10.11
C THR A 70 -5.04 -27.06 11.24
N PHE A 71 -5.68 -26.84 12.39
CA PHE A 71 -5.04 -26.28 13.58
C PHE A 71 -4.86 -27.35 14.65
N LYS A 72 -3.64 -27.48 15.16
CA LYS A 72 -3.33 -28.44 16.22
C LYS A 72 -3.32 -27.68 17.53
N LEU A 73 -4.21 -28.04 18.43
CA LEU A 73 -4.33 -27.32 19.68
C LEU A 73 -3.32 -27.75 20.69
N ARG A 74 -2.91 -26.81 21.52
CA ARG A 74 -2.04 -27.10 22.64
C ARG A 74 -2.80 -28.02 23.61
N PRO A 75 -2.26 -29.15 24.15
N PRO A 75 -2.02 -29.02 24.07
CA PRO A 75 -3.11 -30.14 24.91
CA PRO A 75 -2.49 -29.84 25.14
C PRO A 75 -3.88 -29.80 26.24
C PRO A 75 -2.26 -29.03 26.41
N ASP A 76 -3.20 -29.25 27.25
CA ASP A 76 -3.44 -28.83 28.62
C ASP A 76 -3.61 -27.32 28.83
N VAL A 77 -4.31 -26.61 27.91
CA VAL A 77 -4.67 -25.21 28.11
C VAL A 77 -5.94 -25.31 28.92
N LYS A 78 -5.97 -24.70 30.10
CA LYS A 78 -7.12 -24.80 30.98
C LYS A 78 -8.01 -23.57 30.93
N TRP A 79 -9.33 -23.79 30.99
CA TRP A 79 -10.26 -22.69 31.11
C TRP A 79 -10.12 -22.15 32.53
N GLN A 80 -10.47 -20.88 32.73
CA GLN A 80 -10.56 -20.31 34.07
C GLN A 80 -11.74 -20.97 34.80
N GLY A 81 -11.77 -20.87 36.13
CA GLY A 81 -12.87 -21.31 36.97
C GLY A 81 -13.16 -22.79 37.06
N GLY A 82 -12.28 -23.64 36.57
CA GLY A 82 -12.45 -25.10 36.68
C GLY A 82 -13.25 -25.75 35.55
N TYR A 83 -13.44 -25.05 34.42
CA TYR A 83 -14.17 -25.62 33.27
C TYR A 83 -13.35 -26.69 32.52
N GLY A 84 -12.11 -26.92 32.93
CA GLY A 84 -11.24 -27.96 32.38
C GLY A 84 -10.45 -27.58 31.15
N ASN A 85 -10.00 -28.60 30.40
CA ASN A 85 -9.18 -28.40 29.21
C ASN A 85 -9.95 -27.78 28.06
N VAL A 86 -9.31 -26.87 27.34
CA VAL A 86 -9.91 -26.28 26.14
C VAL A 86 -9.83 -27.35 25.04
N THR A 87 -10.94 -27.60 24.36
CA THR A 87 -10.98 -28.65 23.32
C THR A 87 -11.39 -28.08 21.98
N ALA A 88 -11.20 -28.90 20.94
CA ALA A 88 -11.66 -28.56 19.59
C ALA A 88 -13.18 -28.28 19.57
N ASP A 89 -13.98 -28.97 20.44
CA ASP A 89 -15.43 -28.67 20.49
C ASP A 89 -15.71 -27.21 20.92
N ASP A 90 -14.88 -26.64 21.82
CA ASP A 90 -15.04 -25.24 22.22
C ASP A 90 -14.75 -24.31 21.04
N VAL A 91 -13.72 -24.66 20.24
CA VAL A 91 -13.34 -23.85 19.08
C VAL A 91 -14.46 -23.87 18.04
N VAL A 92 -15.01 -25.08 17.76
CA VAL A 92 -16.11 -25.21 16.81
C VAL A 92 -17.28 -24.37 17.32
N PHE A 93 -17.64 -24.52 18.61
CA PHE A 93 -18.76 -23.78 19.16
C PHE A 93 -18.53 -22.25 19.01
N SER A 94 -17.32 -21.81 19.37
CA SER A 94 -17.01 -20.36 19.36
C SER A 94 -17.03 -19.76 17.98
N LEU A 95 -16.34 -20.40 17.01
CA LEU A 95 -16.27 -19.87 15.63
C LEU A 95 -17.62 -19.96 14.95
N ASP A 96 -18.43 -21.01 15.27
CA ASP A 96 -19.76 -21.04 14.66
C ASP A 96 -20.63 -19.94 15.25
N LYS A 97 -20.41 -19.60 16.54
CA LYS A 97 -21.15 -18.52 17.18
C LYS A 97 -20.71 -17.18 16.54
N ALA A 98 -19.39 -16.96 16.40
CA ALA A 98 -18.83 -15.73 15.82
C ALA A 98 -19.38 -15.46 14.42
N ARG A 99 -19.58 -16.52 13.62
CA ARG A 99 -20.03 -16.37 12.23
C ARG A 99 -21.55 -16.36 12.04
N ASP A 100 -22.31 -16.39 13.16
CA ASP A 100 -23.76 -16.40 13.15
C ASP A 100 -24.31 -14.99 13.41
N PRO A 101 -25.03 -14.36 12.42
CA PRO A 101 -25.54 -12.98 12.66
C PRO A 101 -26.51 -12.85 13.83
N LYS A 102 -27.08 -13.98 14.29
CA LYS A 102 -28.01 -13.97 15.41
C LYS A 102 -27.32 -14.03 16.77
N ARG A 103 -25.99 -14.34 16.81
CA ARG A 103 -25.27 -14.52 18.07
C ARG A 103 -23.91 -13.80 18.09
N SER A 104 -23.72 -12.84 17.18
CA SER A 104 -22.44 -12.17 17.09
C SER A 104 -22.63 -10.83 16.38
N ALA A 105 -21.84 -9.82 16.78
CA ALA A 105 -21.91 -8.51 16.13
C ALA A 105 -20.91 -8.46 14.97
N PHE A 106 -20.09 -9.52 14.81
CA PHE A 106 -18.98 -9.56 13.85
C PHE A 106 -19.08 -10.67 12.80
N SER A 107 -20.29 -11.21 12.58
CA SER A 107 -20.46 -12.34 11.67
C SER A 107 -20.02 -12.07 10.23
N GLY A 108 -20.20 -10.83 9.75
CA GLY A 108 -19.85 -10.51 8.35
C GLY A 108 -18.39 -10.75 8.02
N ASP A 109 -17.49 -10.57 9.01
CA ASP A 109 -16.05 -10.79 8.81
C ASP A 109 -15.77 -12.26 8.44
N TYR A 110 -16.68 -13.18 8.84
CA TYR A 110 -16.53 -14.65 8.69
C TYR A 110 -17.36 -15.25 7.57
N ALA A 111 -17.87 -14.41 6.66
CA ALA A 111 -18.74 -14.89 5.59
C ALA A 111 -18.09 -15.94 4.68
N ALA A 112 -16.74 -15.96 4.58
CA ALA A 112 -16.07 -16.92 3.71
C ALA A 112 -15.78 -18.25 4.37
N ILE A 113 -16.09 -18.41 5.67
CA ILE A 113 -15.88 -19.69 6.33
C ILE A 113 -17.05 -20.60 5.94
N GLN A 114 -16.77 -21.82 5.46
CA GLN A 114 -17.81 -22.76 5.09
C GLN A 114 -18.15 -23.64 6.30
N LYS A 115 -17.12 -24.27 6.90
CA LYS A 115 -17.36 -25.11 8.07
C LYS A 115 -16.17 -25.14 9.02
N VAL A 116 -16.45 -25.48 10.29
CA VAL A 116 -15.44 -25.60 11.34
C VAL A 116 -15.77 -26.95 11.98
N GLU A 117 -14.79 -27.86 11.99
CA GLU A 117 -15.01 -29.23 12.47
C GLU A 117 -13.95 -29.68 13.45
N ALA A 118 -14.38 -30.48 14.46
CA ALA A 118 -13.46 -31.07 15.42
C ALA A 118 -13.07 -32.44 14.87
N VAL A 119 -11.82 -32.56 14.38
CA VAL A 119 -11.33 -33.83 13.80
C VAL A 119 -11.11 -34.80 14.97
N ASP A 120 -10.57 -34.27 16.07
CA ASP A 120 -10.39 -34.94 17.36
C ASP A 120 -10.35 -33.85 18.42
N ALA A 121 -10.17 -34.21 19.71
CA ALA A 121 -10.19 -33.21 20.81
C ALA A 121 -9.15 -32.10 20.69
N LYS A 122 -8.05 -32.34 19.93
CA LYS A 122 -6.99 -31.35 19.79
C LYS A 122 -6.72 -30.92 18.34
N THR A 123 -7.68 -31.16 17.43
CA THR A 123 -7.47 -30.82 16.02
C THR A 123 -8.74 -30.19 15.47
N VAL A 124 -8.61 -28.98 14.89
CA VAL A 124 -9.73 -28.21 14.31
C VAL A 124 -9.46 -28.06 12.81
N ARG A 125 -10.45 -28.36 11.99
CA ARG A 125 -10.33 -28.18 10.54
C ARG A 125 -11.29 -27.06 10.15
N ILE A 126 -10.77 -26.02 9.50
CA ILE A 126 -11.59 -24.90 9.02
C ILE A 126 -11.56 -24.97 7.49
N THR A 127 -12.75 -25.05 6.87
CA THR A 127 -12.85 -25.12 5.41
C THR A 127 -13.46 -23.79 4.99
N LEU A 128 -12.87 -23.19 3.93
CA LEU A 128 -13.28 -21.90 3.40
C LEU A 128 -14.01 -22.07 2.08
N THR A 129 -14.87 -21.11 1.76
CA THR A 129 -15.59 -21.10 0.47
C THR A 129 -14.66 -20.56 -0.64
N ARG A 130 -13.59 -19.87 -0.26
CA ARG A 130 -12.60 -19.29 -1.20
C ARG A 130 -11.38 -18.89 -0.39
N ARG A 131 -10.26 -18.57 -1.05
CA ARG A 131 -9.09 -18.16 -0.27
C ARG A 131 -9.36 -16.88 0.50
N VAL A 132 -8.84 -16.81 1.74
CA VAL A 132 -9.03 -15.66 2.62
C VAL A 132 -7.62 -15.23 3.07
N PRO A 133 -7.01 -14.28 2.31
CA PRO A 133 -5.62 -13.90 2.62
C PRO A 133 -5.36 -13.52 4.08
N SER A 134 -6.34 -12.82 4.69
CA SER A 134 -6.17 -12.36 6.09
C SER A 134 -6.83 -13.29 7.11
N LEU A 135 -6.89 -14.62 6.81
CA LEU A 135 -7.55 -15.56 7.73
C LEU A 135 -6.97 -15.50 9.15
N LEU A 136 -5.64 -15.42 9.27
CA LEU A 136 -5.05 -15.42 10.63
C LEU A 136 -5.54 -14.24 11.47
N ALA A 137 -5.74 -13.04 10.86
CA ALA A 137 -6.29 -11.90 11.62
C ALA A 137 -7.70 -12.27 12.12
N LEU A 138 -8.53 -12.92 11.27
CA LEU A 138 -9.89 -13.31 11.67
C LEU A 138 -9.88 -14.30 12.84
N LEU A 139 -8.80 -15.08 12.96
CA LEU A 139 -8.72 -16.11 14.00
C LEU A 139 -7.92 -15.66 15.21
N SER A 140 -7.56 -14.35 15.25
CA SER A 140 -6.71 -13.82 16.30
C SER A 140 -7.49 -13.26 17.47
N ASN A 141 -6.75 -12.66 18.41
CA ASN A 141 -7.32 -12.15 19.66
C ASN A 141 -7.91 -10.76 19.45
N PHE A 142 -9.00 -10.72 18.66
CA PHE A 142 -9.74 -9.48 18.43
C PHE A 142 -11.08 -9.84 17.86
N SER A 143 -12.09 -9.06 18.23
CA SER A 143 -13.45 -9.24 17.72
C SER A 143 -13.91 -10.73 17.80
N GLY A 144 -14.30 -11.33 16.68
CA GLY A 144 -14.86 -12.67 16.70
C GLY A 144 -13.90 -13.83 16.82
N GLY A 145 -12.61 -13.54 16.95
CA GLY A 145 -11.61 -14.61 17.02
C GLY A 145 -11.46 -15.28 18.38
N PHE A 146 -11.86 -14.57 19.45
CA PHE A 146 -11.67 -15.10 20.80
C PHE A 146 -12.48 -16.37 21.02
N ILE A 147 -11.88 -17.32 21.74
CA ILE A 147 -12.53 -18.61 22.02
C ILE A 147 -13.19 -18.58 23.40
N ILE A 148 -14.43 -19.05 23.45
CA ILE A 148 -15.19 -19.14 24.70
C ILE A 148 -15.58 -20.62 25.00
N PRO A 149 -15.94 -20.95 26.26
CA PRO A 149 -16.25 -22.35 26.58
C PRO A 149 -17.69 -22.70 26.25
N LYS A 150 -17.88 -23.77 25.47
CA LYS A 150 -19.19 -24.27 25.08
C LYS A 150 -20.07 -24.46 26.33
N LYS A 151 -19.57 -25.18 27.35
CA LYS A 151 -20.38 -25.45 28.57
C LYS A 151 -20.76 -24.21 29.34
N ALA A 152 -19.82 -23.26 29.47
CA ALA A 152 -20.09 -22.03 30.22
C ALA A 152 -21.12 -21.16 29.51
N PHE A 153 -20.95 -20.98 28.21
CA PHE A 153 -21.90 -20.14 27.48
C PHE A 153 -23.28 -20.79 27.44
N LYS A 154 -23.33 -22.12 27.15
CA LYS A 154 -24.62 -22.85 27.06
C LYS A 154 -25.44 -22.70 28.32
N GLU A 155 -24.79 -22.72 29.50
CA GLU A 155 -25.49 -22.58 30.77
C GLU A 155 -25.77 -21.13 31.11
N ARG A 156 -24.73 -20.28 31.16
CA ARG A 156 -24.88 -18.89 31.60
C ARG A 156 -25.76 -18.05 30.71
N GLY A 157 -25.75 -18.35 29.41
CA GLY A 157 -26.59 -17.68 28.43
C GLY A 157 -26.48 -16.17 28.53
N ASP A 158 -27.63 -15.50 28.77
CA ASP A 158 -27.71 -14.04 28.88
C ASP A 158 -26.86 -13.45 30.02
N ASP A 159 -26.44 -14.28 31.00
CA ASP A 159 -25.62 -13.81 32.11
C ASP A 159 -24.12 -13.93 31.81
N PHE A 160 -23.74 -14.64 30.73
CA PHE A 160 -22.32 -14.81 30.39
C PHE A 160 -21.63 -13.45 30.21
N LYS A 161 -22.33 -12.48 29.59
CA LYS A 161 -21.77 -11.14 29.32
C LYS A 161 -21.28 -10.39 30.60
N ARG A 162 -21.79 -10.79 31.80
CA ARG A 162 -21.34 -10.19 33.06
C ARG A 162 -20.59 -11.20 33.95
N ARG A 163 -20.49 -12.49 33.51
CA ARG A 163 -19.77 -13.55 34.24
C ARG A 163 -18.94 -14.31 33.21
N PRO A 164 -17.95 -13.63 32.58
CA PRO A 164 -17.21 -14.27 31.48
C PRO A 164 -16.24 -15.34 31.96
N VAL A 165 -15.92 -16.27 31.04
CA VAL A 165 -14.96 -17.34 31.33
C VAL A 165 -14.08 -17.44 30.11
N GLY A 166 -12.79 -17.22 30.28
CA GLY A 166 -11.83 -17.36 29.17
C GLY A 166 -10.65 -18.21 29.57
N PHE A 167 -9.64 -18.31 28.68
CA PHE A 167 -8.40 -19.03 29.04
C PHE A 167 -7.21 -18.06 29.09
N GLY A 168 -7.52 -16.78 29.03
CA GLY A 168 -6.54 -15.69 29.09
C GLY A 168 -5.89 -15.57 30.46
N PRO A 169 -4.94 -14.62 30.58
CA PRO A 169 -4.16 -14.52 31.83
C PRO A 169 -4.90 -13.97 33.04
N PHE A 170 -6.03 -13.25 32.83
CA PHE A 170 -6.77 -12.68 33.97
C PHE A 170 -8.22 -13.09 33.91
N GLN A 171 -8.84 -13.26 35.06
CA GLN A 171 -10.26 -13.64 35.12
C GLN A 171 -11.03 -12.61 35.89
N VAL A 172 -12.32 -12.49 35.59
CA VAL A 172 -13.15 -11.54 36.30
C VAL A 172 -13.56 -12.18 37.62
N GLU A 173 -13.09 -11.59 38.73
CA GLU A 173 -13.47 -12.09 40.06
C GLU A 173 -14.84 -11.50 40.45
N SER A 174 -15.02 -10.18 40.21
CA SER A 174 -16.27 -9.47 40.52
C SER A 174 -16.39 -8.17 39.74
N ILE A 175 -17.64 -7.69 39.58
CA ILE A 175 -17.93 -6.40 38.97
C ILE A 175 -18.67 -5.60 40.03
N GLN A 176 -18.22 -4.35 40.27
CA GLN A 176 -18.86 -3.41 41.20
C GLN A 176 -19.50 -2.43 40.19
N PRO A 177 -20.81 -2.62 39.81
CA PRO A 177 -21.41 -1.82 38.73
C PRO A 177 -21.18 -0.32 38.80
N GLY A 178 -20.70 0.24 37.70
CA GLY A 178 -20.40 1.66 37.59
C GLY A 178 -19.19 2.14 38.39
N GLN A 179 -18.47 1.23 39.06
CA GLN A 179 -17.31 1.62 39.88
C GLN A 179 -16.03 0.95 39.39
N SER A 180 -16.04 -0.39 39.26
CA SER A 180 -14.85 -1.14 38.85
C SER A 180 -15.09 -2.59 38.49
N VAL A 181 -14.09 -3.19 37.85
CA VAL A 181 -14.01 -4.62 37.60
C VAL A 181 -12.77 -5.08 38.34
N THR A 182 -12.89 -6.17 39.12
CA THR A 182 -11.75 -6.75 39.80
C THR A 182 -11.38 -7.98 39.03
N LEU A 183 -10.15 -7.98 38.49
CA LEU A 183 -9.63 -9.15 37.80
C LEU A 183 -8.51 -9.76 38.64
N THR A 184 -8.40 -11.09 38.61
CA THR A 184 -7.33 -11.75 39.34
C THR A 184 -6.54 -12.62 38.37
N ALA A 185 -5.28 -12.90 38.70
CA ALA A 185 -4.43 -13.71 37.84
C ALA A 185 -5.00 -15.10 37.70
N ASN A 186 -4.98 -15.64 36.47
CA ASN A 186 -5.37 -17.00 36.20
C ASN A 186 -4.11 -17.83 36.56
N ALA A 187 -4.12 -18.45 37.76
CA ALA A 187 -2.96 -19.22 38.26
C ALA A 187 -2.51 -20.38 37.33
N GLU A 188 -3.42 -20.86 36.47
CA GLU A 188 -3.15 -21.97 35.57
C GLU A 188 -2.92 -21.50 34.14
N TYR A 189 -2.72 -20.17 33.92
CA TYR A 189 -2.49 -19.66 32.56
C TYR A 189 -1.37 -20.46 31.90
N PHE A 190 -1.61 -20.97 30.69
CA PHE A 190 -0.69 -21.88 30.02
C PHE A 190 0.74 -21.35 29.78
N ARG A 191 0.94 -20.01 29.73
CA ARG A 191 2.30 -19.46 29.50
C ARG A 191 3.01 -19.20 30.81
N GLY A 192 2.31 -19.46 31.91
CA GLY A 192 2.84 -19.25 33.26
C GLY A 192 1.96 -18.31 34.04
N LYS A 193 1.98 -18.44 35.36
CA LYS A 193 1.16 -17.61 36.23
C LYS A 193 1.58 -16.12 36.11
N PRO A 194 0.62 -15.20 35.92
CA PRO A 194 1.00 -13.78 35.84
C PRO A 194 1.78 -13.26 37.02
N LYS A 195 2.63 -12.27 36.76
CA LYS A 195 3.42 -11.60 37.80
C LYS A 195 2.52 -10.69 38.64
N LEU A 196 1.43 -10.19 38.04
CA LEU A 196 0.44 -9.39 38.77
C LEU A 196 -0.57 -10.36 39.37
N SER A 197 -1.01 -10.09 40.58
CA SER A 197 -2.02 -10.94 41.22
C SER A 197 -3.42 -10.39 40.99
N LYS A 198 -3.54 -9.07 40.80
CA LYS A 198 -4.85 -8.42 40.65
C LYS A 198 -4.78 -7.17 39.80
N ILE A 199 -5.89 -6.89 39.11
CA ILE A 199 -6.11 -5.66 38.35
C ILE A 199 -7.39 -5.04 38.89
N SER A 200 -7.31 -3.78 39.32
CA SER A 200 -8.50 -3.02 39.74
C SER A 200 -8.75 -2.06 38.57
N TYR A 201 -9.77 -2.37 37.76
CA TYR A 201 -10.09 -1.64 36.53
C TYR A 201 -11.20 -0.68 36.88
N ARG A 202 -10.83 0.58 37.08
CA ARG A 202 -11.72 1.64 37.57
CA ARG A 202 -11.74 1.62 37.57
C ARG A 202 -12.39 2.48 36.49
N PHE A 203 -13.72 2.64 36.61
CA PHE A 203 -14.53 3.46 35.70
C PHE A 203 -14.47 4.91 36.17
N LEU A 204 -13.67 5.71 35.46
CA LEU A 204 -13.49 7.12 35.83
C LEU A 204 -13.66 7.95 34.59
N ASN A 205 -14.92 8.04 34.10
CA ASN A 205 -15.22 8.80 32.88
C ASN A 205 -14.90 10.28 32.99
N ASN A 206 -15.02 10.88 34.20
CA ASN A 206 -14.71 12.29 34.41
C ASN A 206 -13.20 12.49 34.39
N GLU A 207 -12.69 13.22 33.38
CA GLU A 207 -11.25 13.45 33.18
C GLU A 207 -10.57 14.10 34.37
N ALA A 208 -11.24 15.07 35.01
CA ALA A 208 -10.65 15.74 36.19
C ALA A 208 -10.46 14.75 37.35
N ALA A 209 -11.47 13.90 37.63
CA ALA A 209 -11.38 12.88 38.70
C ALA A 209 -10.31 11.82 38.37
N ARG A 210 -10.25 11.40 37.07
CA ARG A 210 -9.24 10.42 36.65
C ARG A 210 -7.82 10.98 36.85
N ASP A 211 -7.57 12.22 36.38
CA ASP A 211 -6.25 12.88 36.51
C ASP A 211 -5.87 13.02 38.01
N LEU A 212 -6.84 13.40 38.87
CA LEU A 212 -6.61 13.56 40.29
C LEU A 212 -6.21 12.23 40.93
N ALA A 213 -6.90 11.13 40.56
CA ALA A 213 -6.58 9.79 41.07
C ALA A 213 -5.18 9.35 40.62
N PHE A 214 -4.78 9.69 39.39
CA PHE A 214 -3.44 9.34 38.91
C PHE A 214 -2.34 10.14 39.62
N GLU A 215 -2.53 11.45 39.79
CA GLU A 215 -1.51 12.29 40.44
C GLU A 215 -1.38 12.00 41.94
N SER A 216 -2.48 11.57 42.59
CA SER A 216 -2.49 11.23 44.02
C SER A 216 -1.90 9.84 44.32
N GLY A 217 -1.54 9.09 43.29
CA GLY A 217 -0.97 7.75 43.41
C GLY A 217 -1.99 6.64 43.55
N GLU A 218 -3.28 6.91 43.29
CA GLU A 218 -4.32 5.88 43.38
C GLU A 218 -4.28 4.96 42.14
N LEU A 219 -3.76 5.47 41.02
CA LEU A 219 -3.71 4.72 39.76
C LEU A 219 -2.29 4.54 39.29
N ASP A 220 -2.00 3.35 38.76
CA ASP A 220 -0.71 3.10 38.14
C ASP A 220 -0.77 3.45 36.65
N VAL A 221 -1.99 3.40 36.08
CA VAL A 221 -2.23 3.68 34.66
C VAL A 221 -3.50 4.50 34.55
N GLU A 222 -3.51 5.48 33.64
CA GLU A 222 -4.74 6.21 33.38
C GLU A 222 -4.90 6.49 31.90
N GLN A 223 -6.11 6.35 31.41
CA GLN A 223 -6.40 6.71 30.02
C GLN A 223 -6.30 8.23 29.91
N GLY A 224 -5.73 8.69 28.81
CA GLY A 224 -5.59 10.10 28.57
C GLY A 224 -6.66 10.58 27.62
N ASN A 225 -6.37 11.65 26.90
CA ASN A 225 -7.28 12.11 25.87
C ASN A 225 -6.45 12.57 24.66
N GLN A 226 -7.09 13.21 23.68
CA GLN A 226 -6.39 13.59 22.43
C GLN A 226 -5.76 14.97 22.47
N ASP A 227 -5.92 15.68 23.58
CA ASP A 227 -5.42 17.04 23.74
C ASP A 227 -3.94 17.10 24.13
N GLN A 228 -3.14 17.84 23.33
CA GLN A 228 -1.71 18.00 23.58
C GLN A 228 -1.40 18.63 24.94
N ARG A 229 -2.34 19.42 25.48
CA ARG A 229 -2.21 20.07 26.78
C ARG A 229 -2.15 19.04 27.92
N TRP A 230 -2.96 17.98 27.83
CA TRP A 230 -2.97 16.89 28.78
C TRP A 230 -1.62 16.15 28.63
N LEU A 231 -1.24 15.87 27.38
CA LEU A 231 0.00 15.19 27.02
C LEU A 231 1.23 15.89 27.62
N GLN A 232 1.28 17.23 27.51
CA GLN A 232 2.39 18.04 28.01
C GLN A 232 2.43 18.10 29.54
N ARG A 233 1.25 18.18 30.19
CA ARG A 233 1.13 18.24 31.66
C ARG A 233 1.59 16.92 32.30
N LEU A 234 1.35 15.78 31.60
CA LEU A 234 1.74 14.45 32.08
C LEU A 234 3.24 14.18 31.88
N THR A 235 3.77 14.49 30.67
CA THR A 235 5.18 14.29 30.31
C THR A 235 6.14 15.20 31.13
N ALA A 236 5.60 16.29 31.73
CA ALA A 236 6.36 17.23 32.57
C ALA A 236 6.91 16.56 33.84
N ASN A 237 6.19 15.55 34.38
CA ASN A 237 6.64 14.80 35.55
C ASN A 237 7.59 13.69 35.05
N PRO A 238 8.88 13.67 35.48
CA PRO A 238 9.80 12.63 34.99
C PRO A 238 9.43 11.19 35.36
N GLU A 239 8.54 10.99 36.35
CA GLU A 239 8.06 9.68 36.81
C GLU A 239 6.97 9.09 35.88
N ASN A 240 6.38 9.92 35.04
CA ASN A 240 5.31 9.50 34.14
C ASN A 240 5.84 9.17 32.77
N VAL A 241 5.20 8.20 32.11
CA VAL A 241 5.50 7.79 30.75
C VAL A 241 4.16 7.83 30.04
N VAL A 242 4.10 8.48 28.86
CA VAL A 242 2.88 8.48 28.09
C VAL A 242 3.09 7.56 26.89
N ASP A 243 2.19 6.58 26.74
CA ASP A 243 2.23 5.67 25.61
C ASP A 243 1.20 6.13 24.59
N THR A 244 1.60 6.27 23.31
CA THR A 244 0.68 6.61 22.22
C THR A 244 0.59 5.30 21.46
N ILE A 245 -0.63 4.73 21.37
CA ILE A 245 -0.87 3.36 20.92
C ILE A 245 -1.55 3.26 19.58
N GLU A 246 -0.95 2.51 18.66
CA GLU A 246 -1.59 2.22 17.39
C GLU A 246 -2.65 1.12 17.61
N PRO A 247 -3.64 0.97 16.70
CA PRO A 247 -3.83 1.77 15.50
C PRO A 247 -4.55 3.09 15.82
N ALA A 248 -4.37 4.06 14.95
CA ALA A 248 -5.10 5.30 15.07
C ALA A 248 -6.56 5.04 14.70
N GLU A 249 -7.49 5.59 15.51
CA GLU A 249 -8.91 5.40 15.21
C GLU A 249 -9.41 6.59 14.42
N LEU A 250 -10.04 6.36 13.27
CA LEU A 250 -10.54 7.47 12.44
C LEU A 250 -11.93 7.85 12.86
N ASN A 251 -12.14 9.18 13.05
CA ASN A 251 -13.43 9.74 13.39
C ASN A 251 -14.06 10.28 12.12
N LEU A 252 -15.32 9.94 11.88
CA LEU A 252 -16.02 10.47 10.71
C LEU A 252 -17.40 10.91 11.14
N LEU A 253 -18.00 11.83 10.37
CA LEU A 253 -19.43 12.16 10.52
C LEU A 253 -20.09 11.32 9.43
N HIS A 254 -20.82 10.25 9.85
CA HIS A 254 -21.56 9.39 8.92
C HIS A 254 -22.93 10.01 8.79
N ILE A 255 -23.31 10.42 7.58
CA ILE A 255 -24.58 11.14 7.38
C ILE A 255 -25.61 10.18 6.82
N ASN A 256 -26.80 10.09 7.44
CA ASN A 256 -27.83 9.21 6.89
C ASN A 256 -28.37 9.90 5.65
N ILE A 257 -27.94 9.40 4.47
CA ILE A 257 -28.29 10.00 3.16
C ILE A 257 -29.75 9.81 2.78
N THR A 258 -30.54 9.02 3.55
CA THR A 258 -31.94 8.80 3.17
C THR A 258 -32.87 9.76 3.90
N LYS A 259 -32.36 10.53 4.89
CA LYS A 259 -33.23 11.36 5.71
C LYS A 259 -33.11 12.85 5.35
N PRO A 260 -34.21 13.50 4.98
CA PRO A 260 -34.16 14.94 4.74
C PRO A 260 -33.69 15.67 5.99
N PRO A 261 -32.94 16.78 5.85
CA PRO A 261 -32.57 17.48 4.61
C PRO A 261 -31.31 16.92 3.95
N PHE A 262 -30.70 15.90 4.59
CA PHE A 262 -29.43 15.37 4.13
C PHE A 262 -29.52 14.39 2.95
N ASN A 263 -30.74 14.19 2.42
CA ASN A 263 -30.91 13.40 1.20
C ASN A 263 -30.59 14.27 -0.03
N ASP A 264 -30.37 15.60 0.15
CA ASP A 264 -29.95 16.49 -0.94
C ASP A 264 -28.41 16.56 -0.83
N ILE A 265 -27.71 16.11 -1.88
CA ILE A 265 -26.23 16.14 -1.86
C ILE A 265 -25.68 17.54 -1.57
N ARG A 266 -26.38 18.61 -2.00
CA ARG A 266 -25.89 19.99 -1.75
C ARG A 266 -25.80 20.29 -0.26
N VAL A 267 -26.74 19.74 0.53
CA VAL A 267 -26.72 19.95 1.98
C VAL A 267 -25.54 19.20 2.59
N ARG A 268 -25.26 17.98 2.09
CA ARG A 268 -24.12 17.20 2.59
C ARG A 268 -22.82 17.91 2.21
N GLN A 269 -22.73 18.37 0.95
CA GLN A 269 -21.54 19.10 0.48
C GLN A 269 -21.33 20.36 1.32
N ALA A 270 -22.44 21.06 1.65
CA ALA A 270 -22.34 22.26 2.48
C ALA A 270 -21.70 21.90 3.84
N LEU A 271 -22.13 20.77 4.44
CA LEU A 271 -21.56 20.36 5.74
C LEU A 271 -20.08 20.06 5.59
N ALA A 272 -19.72 19.30 4.54
CA ALA A 272 -18.32 18.91 4.31
C ALA A 272 -17.42 20.14 4.12
N HIS A 273 -17.96 21.22 3.50
CA HIS A 273 -17.19 22.46 3.25
C HIS A 273 -17.04 23.34 4.51
N THR A 274 -17.75 23.01 5.63
CA THR A 274 -17.58 23.84 6.81
C THR A 274 -16.98 23.05 8.00
N VAL A 275 -16.39 21.86 7.71
CA VAL A 275 -15.63 21.14 8.74
CA VAL A 275 -15.64 21.06 8.69
C VAL A 275 -14.16 21.36 8.36
N ASN A 276 -13.29 21.39 9.36
CA ASN A 276 -11.88 21.60 9.06
C ASN A 276 -11.05 20.63 9.87
N ALA A 277 -10.80 19.45 9.31
CA ALA A 277 -10.05 18.42 10.02
C ALA A 277 -8.63 18.86 10.33
N ALA A 278 -7.97 19.57 9.38
CA ALA A 278 -6.57 20.01 9.61
C ALA A 278 -6.48 20.93 10.84
N GLN A 279 -7.47 21.80 11.02
CA GLN A 279 -7.48 22.69 12.20
C GLN A 279 -7.72 21.92 13.50
N ILE A 280 -8.54 20.83 13.46
CA ILE A 280 -8.76 20.03 14.66
C ILE A 280 -7.43 19.32 15.03
N ALA A 281 -6.72 18.80 14.00
CA ALA A 281 -5.44 18.10 14.22
C ALA A 281 -4.39 19.07 14.78
N LYS A 282 -4.33 20.32 14.26
CA LYS A 282 -3.36 21.33 14.74
C LYS A 282 -3.66 21.68 16.19
N TYR A 283 -4.96 21.86 16.53
CA TYR A 283 -5.39 22.21 17.89
C TYR A 283 -5.09 21.08 18.87
N ARG A 284 -5.52 19.84 18.52
CA ARG A 284 -5.32 18.69 19.42
C ARG A 284 -3.87 18.26 19.53
N GLY A 285 -3.10 18.41 18.45
CA GLY A 285 -1.68 18.09 18.43
C GLY A 285 -1.34 17.02 17.42
N GLU A 286 -0.30 17.27 16.61
CA GLU A 286 0.10 16.40 15.51
C GLU A 286 0.83 15.10 15.90
N ARG A 287 1.26 14.95 17.16
CA ARG A 287 1.89 13.70 17.60
C ARG A 287 0.84 12.56 17.70
N VAL A 288 -0.37 12.92 18.14
CA VAL A 288 -1.44 11.95 18.37
C VAL A 288 -2.52 11.99 17.30
N ASN A 289 -2.73 13.17 16.69
CA ASN A 289 -3.85 13.40 15.76
C ASN A 289 -3.42 13.78 14.37
N ARG A 290 -4.15 13.29 13.37
CA ARG A 290 -3.84 13.67 12.00
C ARG A 290 -5.12 13.75 11.20
N ALA A 291 -5.24 14.76 10.31
CA ALA A 291 -6.38 14.81 9.40
C ALA A 291 -6.17 13.68 8.38
N VAL A 292 -7.26 13.03 7.95
CA VAL A 292 -7.15 11.91 7.01
C VAL A 292 -7.82 12.25 5.69
N PRO A 293 -7.09 12.14 4.56
CA PRO A 293 -7.70 12.51 3.26
C PRO A 293 -8.57 11.42 2.62
N SER A 294 -9.22 10.55 3.42
CA SER A 294 -10.13 9.54 2.91
C SER A 294 -11.07 9.09 4.01
N VAL A 295 -11.89 8.08 3.72
CA VAL A 295 -12.92 7.62 4.62
C VAL A 295 -12.60 6.30 5.33
N ILE A 296 -11.33 5.89 5.27
CA ILE A 296 -10.80 4.75 6.01
C ILE A 296 -9.48 5.19 6.65
N PRO A 297 -9.05 4.55 7.75
CA PRO A 297 -7.80 4.98 8.42
C PRO A 297 -6.59 4.90 7.49
N SER A 298 -5.60 5.80 7.70
CA SER A 298 -4.45 5.88 6.79
C SER A 298 -3.63 4.59 6.75
N ASN A 299 -3.66 3.84 7.87
CA ASN A 299 -2.91 2.59 7.97
C ASN A 299 -3.89 1.50 7.50
N ASN A 300 -4.12 1.47 6.20
CA ASN A 300 -4.87 0.44 5.53
C ASN A 300 -4.21 0.13 4.21
N LEU A 301 -4.06 -1.17 3.93
CA LEU A 301 -3.68 -1.57 2.58
C LEU A 301 -4.89 -1.12 1.72
N GLY A 302 -4.64 -0.37 0.65
CA GLY A 302 -5.69 0.15 -0.21
C GLY A 302 -6.12 1.59 0.10
N PHE A 303 -5.53 2.20 1.15
CA PHE A 303 -5.83 3.59 1.50
C PHE A 303 -5.60 4.51 0.31
N ASP A 304 -6.52 5.47 0.07
CA ASP A 304 -6.42 6.43 -1.03
C ASP A 304 -6.00 7.79 -0.45
N PRO A 305 -4.73 8.21 -0.62
CA PRO A 305 -4.34 9.54 -0.12
C PRO A 305 -4.96 10.69 -0.90
N ASP A 306 -5.62 10.38 -2.03
CA ASP A 306 -6.20 11.39 -2.93
C ASP A 306 -7.67 11.08 -3.23
N ALA A 307 -8.46 10.75 -2.18
CA ALA A 307 -9.88 10.38 -2.34
C ALA A 307 -10.79 11.54 -2.75
N GLY A 308 -10.32 12.77 -2.64
CA GLY A 308 -11.11 13.94 -3.05
C GLY A 308 -11.88 14.62 -1.93
N VAL A 309 -11.37 14.57 -0.69
CA VAL A 309 -12.05 15.20 0.46
C VAL A 309 -12.35 16.67 0.15
N LEU A 310 -13.57 17.11 0.46
CA LEU A 310 -14.00 18.49 0.16
C LEU A 310 -13.24 19.50 1.02
N ASN A 311 -12.81 20.60 0.40
CA ASN A 311 -12.01 21.63 1.08
C ASN A 311 -12.84 22.50 2.02
N TYR A 312 -12.15 23.24 2.88
CA TYR A 312 -12.81 24.13 3.82
C TYR A 312 -13.15 25.43 3.09
N ASP A 313 -14.45 25.77 3.02
CA ASP A 313 -14.89 26.99 2.36
C ASP A 313 -16.28 27.28 2.86
N PRO A 314 -16.42 27.85 4.07
CA PRO A 314 -17.77 28.09 4.62
C PRO A 314 -18.64 29.06 3.79
N ALA A 315 -18.01 29.91 2.96
CA ALA A 315 -18.80 30.81 2.08
C ALA A 315 -19.53 29.91 1.03
N GLN A 316 -18.86 28.85 0.56
CA GLN A 316 -19.46 27.90 -0.38
C GLN A 316 -20.58 27.12 0.35
N SER A 317 -20.37 26.76 1.63
CA SER A 317 -21.41 26.08 2.41
C SER A 317 -22.69 26.92 2.40
N LYS A 318 -22.59 28.23 2.71
CA LYS A 318 -23.76 29.10 2.74
C LYS A 318 -24.45 29.19 1.37
N LYS A 319 -23.65 29.26 0.29
CA LYS A 319 -24.18 29.32 -1.09
C LYS A 319 -24.97 28.05 -1.40
N LEU A 320 -24.39 26.89 -1.07
CA LEU A 320 -25.04 25.60 -1.30
C LEU A 320 -26.34 25.47 -0.48
N LEU A 321 -26.33 25.90 0.80
CA LEU A 321 -27.57 25.82 1.60
C LEU A 321 -28.66 26.70 0.99
N ALA A 322 -28.30 27.91 0.52
CA ALA A 322 -29.32 28.81 -0.09
C ALA A 322 -29.89 28.15 -1.36
N GLU A 323 -29.03 27.52 -2.20
CA GLU A 323 -29.46 26.80 -3.42
C GLU A 323 -30.41 25.63 -3.07
N ALA A 324 -30.15 24.96 -1.92
CA ALA A 324 -30.93 23.82 -1.45
C ALA A 324 -32.24 24.22 -0.75
N GLY A 325 -32.47 25.53 -0.61
CA GLY A 325 -33.69 26.07 -0.02
C GLY A 325 -33.63 26.38 1.46
N PHE A 326 -32.40 26.58 1.99
CA PHE A 326 -32.16 26.92 3.38
C PHE A 326 -31.42 28.26 3.47
N PRO A 327 -32.09 29.39 3.11
CA PRO A 327 -31.41 30.69 3.16
C PRO A 327 -31.01 31.15 4.56
N ASN A 328 -31.64 30.56 5.60
CA ASN A 328 -31.35 30.91 7.00
C ASN A 328 -30.56 29.79 7.71
N GLY A 329 -30.01 28.85 6.92
CA GLY A 329 -29.24 27.75 7.46
C GLY A 329 -30.06 26.51 7.79
N VAL A 330 -29.38 25.49 8.32
CA VAL A 330 -29.94 24.19 8.70
C VAL A 330 -29.70 23.95 10.19
N THR A 331 -30.71 23.42 10.88
CA THR A 331 -30.54 23.01 12.27
C THR A 331 -30.67 21.50 12.30
N VAL A 332 -29.87 20.85 13.15
CA VAL A 332 -29.95 19.38 13.24
C VAL A 332 -29.60 18.95 14.66
N THR A 333 -30.29 17.94 15.16
CA THR A 333 -29.99 17.35 16.47
C THR A 333 -29.30 16.01 16.22
N MET A 334 -28.15 15.82 16.86
CA MET A 334 -27.39 14.58 16.78
C MET A 334 -27.34 13.97 18.16
N VAL A 335 -27.46 12.65 18.25
CA VAL A 335 -27.28 11.94 19.49
C VAL A 335 -25.76 11.77 19.59
N ALA A 336 -25.18 12.28 20.67
CA ALA A 336 -23.73 12.34 20.81
C ALA A 336 -23.22 11.58 22.03
N SER A 337 -22.17 10.79 21.86
CA SER A 337 -21.61 10.06 22.99
C SER A 337 -20.98 11.00 24.05
N GLN A 338 -21.11 10.59 25.33
CA GLN A 338 -20.50 11.25 26.48
C GLN A 338 -19.08 10.72 26.77
N LEU A 339 -18.53 9.82 25.90
CA LEU A 339 -17.11 9.44 26.00
C LEU A 339 -16.38 10.78 25.84
N PRO A 340 -15.51 11.21 26.78
CA PRO A 340 -15.01 12.60 26.72
C PRO A 340 -14.33 13.03 25.43
N GLY A 341 -13.59 12.13 24.79
CA GLY A 341 -12.91 12.44 23.53
C GLY A 341 -13.89 12.67 22.39
N LEU A 342 -14.98 11.87 22.33
CA LEU A 342 -16.02 12.05 21.30
C LEU A 342 -16.87 13.27 21.62
N GLU A 343 -17.14 13.50 22.91
CA GLU A 343 -17.92 14.66 23.30
C GLU A 343 -17.16 15.95 22.93
N SER A 344 -15.85 16.03 23.26
CA SER A 344 -15.08 17.22 22.94
C SER A 344 -14.96 17.39 21.41
N LEU A 345 -14.78 16.26 20.67
CA LEU A 345 -14.71 16.36 19.21
C LEU A 345 -16.05 16.90 18.64
N ALA A 346 -17.20 16.40 19.15
CA ALA A 346 -18.51 16.88 18.68
C ALA A 346 -18.65 18.39 18.97
N GLN A 347 -18.13 18.84 20.12
CA GLN A 347 -18.18 20.28 20.46
C GLN A 347 -17.31 21.10 19.51
N LEU A 348 -16.16 20.55 19.09
CA LEU A 348 -15.30 21.27 18.11
C LEU A 348 -16.01 21.40 16.77
N ILE A 349 -16.64 20.31 16.30
N ILE A 349 -16.66 20.32 16.33
CA ILE A 349 -17.40 20.29 15.04
CA ILE A 349 -17.43 20.28 15.08
C ILE A 349 -18.59 21.28 15.14
C ILE A 349 -18.61 21.26 15.14
N GLN A 350 -19.33 21.25 16.27
CA GLN A 350 -20.46 22.14 16.50
C GLN A 350 -20.03 23.61 16.28
N ALA A 351 -18.87 24.00 16.83
CA ALA A 351 -18.36 25.38 16.64
C ALA A 351 -17.97 25.63 15.17
N GLN A 352 -17.31 24.64 14.52
CA GLN A 352 -16.89 24.81 13.15
C GLN A 352 -18.04 24.97 12.17
N VAL A 353 -19.06 24.11 12.29
CA VAL A 353 -20.11 24.06 11.26
C VAL A 353 -21.06 25.26 11.33
N ALA A 354 -21.04 26.00 12.44
CA ALA A 354 -21.84 27.24 12.52
C ALA A 354 -21.38 28.26 11.47
N GLU A 355 -20.09 28.24 11.11
CA GLU A 355 -19.57 29.16 10.10
C GLU A 355 -20.25 29.01 8.73
N GLY A 356 -20.58 27.77 8.37
CA GLY A 356 -21.20 27.45 7.10
C GLY A 356 -22.71 27.38 7.12
N GLY A 357 -23.30 27.72 8.26
CA GLY A 357 -24.75 27.78 8.36
C GLY A 357 -25.45 26.64 9.06
N PHE A 358 -24.71 25.78 9.79
CA PHE A 358 -25.34 24.66 10.50
C PHE A 358 -25.36 24.91 11.98
N THR A 359 -26.55 24.77 12.61
CA THR A 359 -26.61 24.88 14.05
C THR A 359 -26.82 23.47 14.54
N LEU A 360 -25.77 22.87 15.09
CA LEU A 360 -25.81 21.51 15.57
C LEU A 360 -26.21 21.50 17.04
N ASN A 361 -27.23 20.72 17.37
CA ASN A 361 -27.68 20.54 18.75
C ASN A 361 -27.19 19.13 19.14
N LEU A 362 -26.45 19.03 20.24
CA LEU A 362 -25.90 17.76 20.67
C LEU A 362 -26.70 17.20 21.82
N GLN A 363 -27.29 16.01 21.64
CA GLN A 363 -28.08 15.38 22.71
C GLN A 363 -27.15 14.34 23.33
N PRO A 364 -26.56 14.63 24.52
CA PRO A 364 -25.56 13.73 25.12
C PRO A 364 -26.15 12.45 25.68
N VAL A 365 -25.49 11.33 25.39
CA VAL A 365 -25.94 10.03 25.89
C VAL A 365 -24.69 9.24 26.35
N GLU A 366 -24.80 8.50 27.49
CA GLU A 366 -23.73 7.65 27.99
C GLU A 366 -23.26 6.76 26.82
N HIS A 367 -21.93 6.58 26.71
CA HIS A 367 -21.31 5.93 25.56
C HIS A 367 -21.94 4.58 25.14
N ALA A 368 -22.09 3.62 26.09
CA ALA A 368 -22.64 2.31 25.70
C ALA A 368 -24.10 2.41 25.25
N ALA A 369 -24.89 3.28 25.92
CA ALA A 369 -26.29 3.51 25.53
C ALA A 369 -26.35 4.16 24.14
N TRP A 370 -25.40 5.09 23.87
CA TRP A 370 -25.32 5.78 22.57
C TRP A 370 -25.04 4.73 21.47
N HIS A 371 -24.11 3.78 21.72
CA HIS A 371 -23.82 2.69 20.77
C HIS A 371 -25.10 1.92 20.42
N GLN A 372 -25.98 1.70 21.41
CA GLN A 372 -27.24 0.99 21.16
C GLN A 372 -28.18 1.88 20.34
N MET A 373 -28.29 3.18 20.69
CA MET A 373 -29.18 4.12 20.01
C MET A 373 -28.84 4.30 18.55
N ILE A 374 -27.55 4.48 18.22
CA ILE A 374 -27.19 4.70 16.81
C ILE A 374 -27.48 3.47 15.96
N ARG A 375 -27.43 2.29 16.58
CA ARG A 375 -27.71 1.01 15.88
C ARG A 375 -29.22 0.76 15.71
N LYS A 376 -30.06 1.69 16.21
CA LYS A 376 -31.50 1.68 16.03
C LYS A 376 -31.88 2.81 15.03
N ASP A 377 -30.87 3.45 14.40
CA ASP A 377 -31.04 4.50 13.38
C ASP A 377 -31.68 5.74 13.99
N LEU A 378 -31.33 6.03 15.25
CA LEU A 378 -31.96 7.15 15.95
C LEU A 378 -31.28 8.50 15.76
N SER A 379 -30.11 8.53 15.10
CA SER A 379 -29.43 9.82 14.90
C SER A 379 -29.27 10.10 13.39
N PRO A 380 -29.54 11.35 12.92
CA PRO A 380 -29.41 11.65 11.47
C PRO A 380 -27.96 11.70 11.00
N ILE A 381 -27.04 11.97 11.93
CA ILE A 381 -25.60 12.00 11.66
C ILE A 381 -24.99 11.30 12.86
N VAL A 382 -23.96 10.51 12.62
CA VAL A 382 -23.28 9.76 13.69
C VAL A 382 -21.81 10.08 13.66
N LEU A 383 -21.26 10.61 14.76
CA LEU A 383 -19.82 10.87 14.86
C LEU A 383 -19.26 9.59 15.52
N TYR A 384 -18.57 8.76 14.73
CA TYR A 384 -18.09 7.46 15.20
C TYR A 384 -16.57 7.45 14.96
N GLY A 385 -15.83 6.85 15.89
CA GLY A 385 -14.38 6.77 15.74
C GLY A 385 -13.93 5.35 15.96
N ALA A 386 -13.24 4.77 14.97
CA ALA A 386 -12.81 3.36 15.12
C ALA A 386 -11.72 3.03 14.14
N ALA A 387 -11.04 1.90 14.40
CA ALA A 387 -10.09 1.31 13.48
C ALA A 387 -10.49 -0.15 13.30
N ARG A 388 -10.05 -0.79 12.19
CA ARG A 388 -10.33 -2.20 11.98
C ARG A 388 -9.01 -2.84 11.49
N PHE A 389 -9.02 -4.16 11.17
CA PHE A 389 -7.77 -4.76 10.64
C PHE A 389 -7.29 -3.89 9.44
N PRO A 390 -5.96 -3.76 9.25
CA PRO A 390 -5.45 -2.81 8.25
C PRO A 390 -5.47 -3.26 6.79
N ILE A 391 -6.64 -3.70 6.34
CA ILE A 391 -6.90 -4.03 4.93
C ILE A 391 -8.21 -3.30 4.64
N ALA A 392 -8.25 -2.49 3.56
CA ALA A 392 -9.43 -1.65 3.27
C ALA A 392 -10.75 -2.38 3.30
N ASP A 393 -10.75 -3.68 2.91
CA ASP A 393 -12.01 -4.45 2.88
C ASP A 393 -12.77 -4.39 4.20
N TYR A 394 -12.06 -4.37 5.34
CA TYR A 394 -12.77 -4.39 6.63
C TYR A 394 -13.50 -3.08 6.88
N TYR A 395 -12.78 -1.96 6.86
CA TYR A 395 -13.49 -0.69 7.12
C TYR A 395 -14.54 -0.44 6.05
N LEU A 396 -14.21 -0.71 4.77
CA LEU A 396 -15.17 -0.43 3.71
C LEU A 396 -16.44 -1.29 3.84
N THR A 397 -16.27 -2.59 4.06
CA THR A 397 -17.46 -3.44 4.14
C THR A 397 -18.31 -3.06 5.35
N GLN A 398 -17.68 -2.89 6.51
CA GLN A 398 -18.46 -2.66 7.73
C GLN A 398 -19.17 -1.30 7.79
N PHE A 399 -18.51 -0.26 7.32
CA PHE A 399 -19.09 1.08 7.41
C PHE A 399 -19.85 1.53 6.15
N TYR A 400 -19.52 0.97 4.97
CA TYR A 400 -20.08 1.52 3.75
C TYR A 400 -20.78 0.56 2.78
N HIS A 401 -20.66 -0.78 2.96
CA HIS A 401 -21.35 -1.69 2.03
C HIS A 401 -22.82 -1.74 2.44
N SER A 402 -23.76 -1.75 1.46
CA SER A 402 -25.18 -1.70 1.83
C SER A 402 -25.64 -2.87 2.73
N ALA A 403 -24.97 -4.03 2.68
CA ALA A 403 -25.39 -5.17 3.52
C ALA A 403 -25.23 -4.80 5.03
N SER A 404 -24.32 -3.85 5.30
CA SER A 404 -24.04 -3.47 6.68
C SER A 404 -24.97 -2.36 7.21
N GLU A 405 -25.89 -1.90 6.37
CA GLU A 405 -26.82 -0.80 6.67
C GLU A 405 -27.60 -1.07 7.94
N ILE A 406 -27.73 -0.04 8.81
CA ILE A 406 -28.52 -0.20 10.04
C ILE A 406 -29.96 -0.57 9.65
N GLY A 407 -30.51 -1.54 10.36
CA GLY A 407 -31.88 -1.97 10.10
C GLY A 407 -31.95 -3.33 9.43
N LYS A 408 -30.80 -3.82 8.90
CA LYS A 408 -30.78 -5.13 8.24
C LYS A 408 -30.34 -6.21 9.21
N PRO A 409 -30.68 -7.51 8.98
CA PRO A 409 -30.15 -8.57 9.86
C PRO A 409 -28.61 -8.64 9.84
N THR A 410 -28.02 -8.24 8.72
CA THR A 410 -26.57 -8.22 8.50
C THR A 410 -25.95 -6.85 8.88
N GLN A 411 -26.69 -6.02 9.63
CA GLN A 411 -26.16 -4.68 9.95
C GLN A 411 -24.85 -4.71 10.66
N VAL A 412 -23.97 -3.73 10.36
CA VAL A 412 -22.74 -3.61 11.11
C VAL A 412 -22.69 -2.15 11.59
N VAL A 413 -21.94 -1.28 10.86
CA VAL A 413 -21.82 0.12 11.29
C VAL A 413 -21.99 1.08 10.10
N ASN A 414 -22.87 0.71 9.13
CA ASN A 414 -23.11 1.59 7.98
C ASN A 414 -24.25 2.52 8.40
N PHE A 415 -23.87 3.55 9.14
CA PHE A 415 -24.83 4.55 9.64
C PHE A 415 -25.29 5.50 8.56
N SER A 416 -24.50 5.66 7.49
CA SER A 416 -24.86 6.59 6.43
C SER A 416 -25.87 5.99 5.46
N HIS A 417 -26.07 4.65 5.51
CA HIS A 417 -26.94 3.95 4.56
C HIS A 417 -26.37 4.03 3.14
N CYS A 418 -25.02 4.09 3.06
CA CYS A 418 -24.26 4.16 1.80
C CYS A 418 -24.54 2.88 0.98
N ASN A 419 -24.67 3.04 -0.35
CA ASN A 419 -24.79 1.88 -1.24
C ASN A 419 -24.00 2.09 -2.55
N VAL A 420 -23.39 3.28 -2.72
CA VAL A 420 -22.73 3.72 -3.95
C VAL A 420 -21.51 2.88 -4.37
N ALA A 421 -20.85 2.25 -3.39
CA ALA A 421 -19.60 1.54 -3.66
C ALA A 421 -19.70 0.02 -3.55
N ASP A 422 -20.93 -0.54 -3.50
CA ASP A 422 -21.07 -1.99 -3.33
C ASP A 422 -20.30 -2.82 -4.32
N LYS A 423 -20.42 -2.50 -5.63
CA LYS A 423 -19.75 -3.32 -6.65
C LYS A 423 -18.23 -3.26 -6.52
N GLN A 424 -17.68 -2.07 -6.21
CA GLN A 424 -16.22 -1.94 -6.06
C GLN A 424 -15.71 -2.69 -4.83
N ILE A 425 -16.47 -2.59 -3.73
CA ILE A 425 -16.09 -3.27 -2.48
C ILE A 425 -16.09 -4.78 -2.71
N GLU A 426 -17.18 -5.31 -3.30
CA GLU A 426 -17.28 -6.75 -3.55
C GLU A 426 -16.20 -7.22 -4.52
N ALA A 427 -15.98 -6.48 -5.62
CA ALA A 427 -14.95 -6.90 -6.61
C ALA A 427 -13.55 -6.85 -5.99
N ALA A 428 -13.27 -5.83 -5.16
CA ALA A 428 -11.93 -5.70 -4.55
C ALA A 428 -11.66 -6.85 -3.58
N ARG A 429 -12.70 -7.26 -2.84
CA ARG A 429 -12.55 -8.27 -1.79
C ARG A 429 -11.85 -9.53 -2.27
N THR A 430 -12.20 -10.00 -3.49
CA THR A 430 -11.70 -11.26 -4.05
C THR A 430 -10.79 -11.08 -5.26
N GLU A 431 -10.40 -9.82 -5.57
CA GLU A 431 -9.51 -9.54 -6.71
C GLU A 431 -8.10 -10.07 -6.41
N THR A 432 -7.57 -10.92 -7.30
CA THR A 432 -6.26 -11.52 -7.03
C THR A 432 -5.09 -10.71 -7.60
N ASP A 433 -5.34 -9.79 -8.56
CA ASP A 433 -4.26 -8.91 -9.10
C ASP A 433 -4.06 -7.80 -8.03
N PRO A 434 -2.88 -7.73 -7.38
CA PRO A 434 -2.73 -6.79 -6.25
C PRO A 434 -2.97 -5.33 -6.59
N ASN A 435 -2.49 -4.88 -7.77
CA ASN A 435 -2.68 -3.48 -8.15
C ASN A 435 -4.12 -3.20 -8.49
N LYS A 436 -4.79 -4.17 -9.14
CA LYS A 436 -6.21 -3.97 -9.47
C LYS A 436 -7.03 -3.92 -8.18
N GLN A 437 -6.68 -4.78 -7.21
CA GLN A 437 -7.41 -4.79 -5.93
C GLN A 437 -7.30 -3.41 -5.25
N ILE A 438 -6.05 -2.84 -5.21
N ILE A 438 -6.07 -2.83 -5.18
CA ILE A 438 -5.78 -1.50 -4.65
CA ILE A 438 -5.93 -1.49 -4.57
C ILE A 438 -6.65 -0.44 -5.34
C ILE A 438 -6.73 -0.44 -5.33
N GLU A 439 -6.70 -0.50 -6.69
CA GLU A 439 -7.45 0.49 -7.48
C GLU A 439 -8.95 0.42 -7.23
N LEU A 440 -9.47 -0.80 -7.03
CA LEU A 440 -10.91 -0.98 -6.71
C LEU A 440 -11.21 -0.43 -5.32
N TRP A 441 -10.29 -0.65 -4.35
CA TRP A 441 -10.49 -0.07 -3.01
C TRP A 441 -10.46 1.46 -3.10
N LYS A 442 -9.53 2.02 -3.90
CA LYS A 442 -9.45 3.49 -4.04
C LYS A 442 -10.71 4.05 -4.73
N GLU A 443 -11.20 3.35 -5.78
CA GLU A 443 -12.42 3.78 -6.48
C GLU A 443 -13.60 3.82 -5.48
N ALA A 444 -13.68 2.83 -4.57
CA ALA A 444 -14.76 2.82 -3.56
C ALA A 444 -14.63 4.08 -2.67
N GLN A 445 -13.42 4.40 -2.21
CA GLN A 445 -13.25 5.59 -1.35
C GLN A 445 -13.65 6.88 -2.07
N LYS A 446 -13.24 7.02 -3.35
CA LYS A 446 -13.58 8.22 -4.15
C LYS A 446 -15.09 8.37 -4.28
N LEU A 447 -15.80 7.23 -4.47
CA LEU A 447 -17.26 7.29 -4.61
C LEU A 447 -17.91 7.69 -3.30
N ILE A 448 -17.41 7.14 -2.19
CA ILE A 448 -18.05 7.45 -0.88
C ILE A 448 -17.79 8.93 -0.51
N VAL A 449 -16.56 9.39 -0.75
CA VAL A 449 -16.20 10.79 -0.47
C VAL A 449 -17.04 11.74 -1.34
N SER A 450 -17.08 11.49 -2.67
CA SER A 450 -17.78 12.40 -3.59
C SER A 450 -19.28 12.45 -3.39
N ASN A 451 -19.89 11.33 -2.93
CA ASN A 451 -21.34 11.34 -2.63
C ASN A 451 -21.57 11.90 -1.22
N VAL A 452 -20.47 12.16 -0.48
CA VAL A 452 -20.52 12.74 0.86
C VAL A 452 -21.41 11.91 1.79
N CYS A 453 -21.19 10.59 1.78
CA CYS A 453 -21.89 9.71 2.70
C CYS A 453 -21.29 9.88 4.10
N ALA A 454 -19.99 10.21 4.15
CA ALA A 454 -19.30 10.41 5.40
C ALA A 454 -18.24 11.47 5.17
N ILE A 455 -17.96 12.23 6.22
CA ILE A 455 -16.96 13.31 6.17
C ILE A 455 -15.88 12.92 7.15
N PRO A 456 -14.65 12.72 6.67
CA PRO A 456 -13.58 12.32 7.59
C PRO A 456 -13.11 13.48 8.42
N LEU A 457 -12.73 13.18 9.64
CA LEU A 457 -12.20 14.21 10.52
C LEU A 457 -10.75 13.81 10.76
N THR A 458 -10.36 13.64 12.00
CA THR A 458 -9.00 13.24 12.33
C THR A 458 -9.00 11.76 12.73
N GLU A 459 -7.80 11.14 12.74
CA GLU A 459 -7.61 9.83 13.33
C GLU A 459 -6.70 10.11 14.54
N ASN A 460 -6.89 9.37 15.64
CA ASN A 460 -6.05 9.60 16.82
C ASN A 460 -5.48 8.28 17.37
N LEU A 461 -4.21 8.33 17.77
CA LEU A 461 -3.62 7.18 18.43
C LEU A 461 -4.25 7.12 19.84
N GLY A 462 -4.22 5.95 20.48
CA GLY A 462 -4.70 5.84 21.86
C GLY A 462 -3.66 6.50 22.76
N THR A 463 -4.09 7.17 23.82
CA THR A 463 -3.14 7.87 24.70
C THR A 463 -3.37 7.38 26.12
N TRP A 464 -2.32 6.89 26.77
CA TRP A 464 -2.42 6.37 28.13
C TRP A 464 -1.17 6.72 28.91
N ALA A 465 -1.32 7.09 30.19
CA ALA A 465 -0.17 7.44 31.02
C ALA A 465 0.06 6.34 32.05
N ARG A 466 1.32 6.12 32.40
CA ARG A 466 1.65 5.12 33.42
C ARG A 466 2.84 5.65 34.20
N LYS A 467 3.07 5.07 35.36
CA LYS A 467 4.24 5.41 36.17
C LYS A 467 5.41 4.59 35.59
N ASN A 468 6.65 5.13 35.59
CA ASN A 468 7.77 4.37 35.01
C ASN A 468 8.16 3.12 35.83
N LYS A 469 7.53 2.90 37.01
CA LYS A 469 7.75 1.71 37.82
C LYS A 469 7.03 0.51 37.17
N LEU A 470 6.09 0.77 36.24
CA LEU A 470 5.35 -0.32 35.60
C LEU A 470 6.06 -0.69 34.31
N GLY A 471 6.30 -1.99 34.09
CA GLY A 471 6.90 -2.50 32.88
C GLY A 471 5.91 -3.38 32.13
N TRP A 472 5.72 -3.16 30.82
CA TRP A 472 4.77 -3.99 30.08
C TRP A 472 5.31 -5.40 29.80
N GLY A 473 6.64 -5.52 29.70
CA GLY A 473 7.30 -6.77 29.34
C GLY A 473 7.63 -6.83 27.86
N PHE A 474 7.28 -5.78 27.14
CA PHE A 474 7.49 -5.67 25.68
C PHE A 474 7.26 -4.20 25.31
N GLU A 475 7.56 -3.85 24.08
CA GLU A 475 7.34 -2.48 23.62
C GLU A 475 5.85 -2.35 23.22
N LEU A 476 5.16 -1.40 23.84
CA LEU A 476 3.75 -1.20 23.51
C LEU A 476 3.68 -0.28 22.30
N LYS A 477 3.71 -0.85 21.08
CA LYS A 477 3.59 -0.02 19.87
C LYS A 477 2.11 0.08 19.51
N GLY A 478 1.41 -1.04 19.64
CA GLY A 478 0.00 -1.08 19.27
C GLY A 478 -0.72 -2.24 19.92
N SER A 479 -2.06 -2.16 19.91
CA SER A 479 -2.92 -3.22 20.43
C SER A 479 -4.17 -2.98 19.61
N MET A 480 -4.80 -4.03 19.09
CA MET A 480 -5.97 -3.81 18.24
C MET A 480 -7.07 -2.90 18.88
N PRO A 481 -7.34 -2.93 20.20
CA PRO A 481 -8.31 -1.98 20.78
C PRO A 481 -7.76 -0.55 21.00
N SER A 482 -6.46 -0.29 20.70
CA SER A 482 -5.77 1.00 20.92
C SER A 482 -5.61 1.30 22.43
N ALA A 483 -5.52 0.22 23.24
CA ALA A 483 -5.40 0.32 24.69
C ALA A 483 -4.30 -0.61 25.17
N PRO A 484 -3.73 -0.35 26.35
CA PRO A 484 -2.67 -1.25 26.87
C PRO A 484 -3.12 -2.72 26.95
N LEU A 485 -2.16 -3.61 26.72
CA LEU A 485 -2.38 -5.04 26.85
C LEU A 485 -1.64 -5.47 28.10
N ILE A 486 -2.39 -5.95 29.09
CA ILE A 486 -1.82 -6.47 30.33
C ILE A 486 -1.78 -8.00 30.16
N THR A 487 -0.59 -8.57 30.37
CA THR A 487 -0.39 -10.00 30.17
C THR A 487 0.25 -10.61 31.42
N GLU A 488 0.64 -11.90 31.31
CA GLU A 488 1.35 -12.58 32.39
C GLU A 488 2.78 -11.96 32.57
N GLN A 489 3.24 -11.18 31.58
CA GLN A 489 4.60 -10.58 31.60
C GLN A 489 4.62 -9.22 32.33
N THR A 490 3.46 -8.54 32.43
CA THR A 490 3.39 -7.20 33.05
C THR A 490 3.90 -7.24 34.49
N TYR A 491 4.70 -6.27 34.87
CA TYR A 491 5.30 -6.30 36.20
C TYR A 491 5.57 -4.90 36.76
N PHE A 492 5.88 -4.82 38.07
CA PHE A 492 6.29 -3.60 38.73
C PHE A 492 7.77 -3.74 39.14
N LYS A 493 8.50 -2.63 39.09
CA LYS A 493 9.92 -2.55 39.41
C LYS A 493 10.14 -2.05 40.84
N ASP A 494 11.21 -2.51 41.47
CA ASP A 494 11.64 -2.03 42.80
C ASP A 494 12.51 -0.78 42.66
N ALA B 2 -5.66 17.20 -42.28
CA ALA B 2 -4.57 17.14 -41.30
C ALA B 2 -3.52 16.15 -41.79
N LYS B 3 -2.24 16.46 -41.51
CA LYS B 3 -1.11 15.62 -41.91
C LYS B 3 -1.17 14.25 -41.26
N THR B 4 -0.39 13.29 -41.78
CA THR B 4 -0.39 11.93 -41.24
C THR B 4 1.03 11.45 -40.88
N GLU B 5 2.04 12.33 -40.97
CA GLU B 5 3.43 11.99 -40.65
C GLU B 5 3.81 12.66 -39.33
N LEU B 6 4.25 11.84 -38.35
CA LEU B 6 4.66 12.28 -37.02
CA LEU B 6 4.66 12.32 -37.04
CA LEU B 6 4.66 12.33 -37.03
C LEU B 6 6.19 12.32 -36.97
N SER B 7 6.78 13.42 -36.48
CA SER B 7 8.24 13.53 -36.33
C SER B 7 8.49 13.69 -34.85
N MET B 8 9.35 12.84 -34.29
CA MET B 8 9.66 12.94 -32.86
C MET B 8 11.14 12.90 -32.59
N GLY B 9 11.60 13.76 -31.68
CA GLY B 9 13.02 13.86 -31.32
C GLY B 9 13.23 13.29 -29.95
N VAL B 10 14.18 12.34 -29.82
CA VAL B 10 14.42 11.64 -28.55
C VAL B 10 15.84 11.78 -28.07
N ALA B 11 16.05 11.56 -26.77
CA ALA B 11 17.36 11.61 -26.12
C ALA B 11 18.00 10.25 -26.23
N SER B 12 18.47 9.93 -27.42
CA SER B 12 19.16 8.67 -27.70
C SER B 12 20.05 8.91 -28.88
N GLU B 13 21.12 8.11 -29.00
CA GLU B 13 22.05 8.23 -30.11
C GLU B 13 21.78 7.22 -31.22
N ASP B 14 21.13 6.08 -30.92
CA ASP B 14 20.86 5.04 -31.92
C ASP B 14 19.98 3.94 -31.34
N VAL B 15 19.61 2.98 -32.21
CA VAL B 15 18.90 1.76 -31.85
C VAL B 15 19.97 0.80 -31.35
N THR B 16 19.71 0.06 -30.27
CA THR B 16 20.63 -1.01 -29.87
C THR B 16 19.96 -2.34 -30.17
N THR B 17 18.75 -2.56 -29.61
CA THR B 17 18.05 -3.80 -29.92
C THR B 17 16.55 -3.59 -29.95
N LEU B 18 15.91 -4.15 -30.99
CA LEU B 18 14.47 -4.12 -31.09
C LEU B 18 13.90 -5.52 -30.85
N ASP B 19 14.71 -6.42 -30.21
CA ASP B 19 14.20 -7.71 -29.75
C ASP B 19 13.59 -7.32 -28.39
N PRO B 20 12.27 -7.49 -28.20
CA PRO B 20 11.66 -7.03 -26.92
C PRO B 20 12.19 -7.73 -25.68
N HIS B 21 12.81 -8.92 -25.85
CA HIS B 21 13.34 -9.65 -24.70
C HIS B 21 14.66 -9.07 -24.21
N PHE B 22 15.25 -8.11 -24.97
CA PHE B 22 16.47 -7.45 -24.55
C PHE B 22 16.35 -5.92 -24.46
N ALA B 23 15.39 -5.30 -25.15
CA ALA B 23 15.28 -3.83 -25.18
C ALA B 23 15.12 -3.31 -23.76
N THR B 24 16.11 -2.48 -23.33
CA THR B 24 16.23 -1.97 -21.95
C THR B 24 16.26 -0.45 -21.86
N THR B 25 16.95 0.23 -22.80
CA THR B 25 16.99 1.69 -22.72
C THR B 25 15.59 2.23 -22.99
N THR B 26 15.29 3.43 -22.48
CA THR B 26 13.97 4.00 -22.74
C THR B 26 13.70 4.07 -24.25
N SER B 27 14.70 4.49 -25.04
CA SER B 27 14.47 4.61 -26.49
C SER B 27 14.13 3.27 -27.15
N ASP B 28 14.87 2.21 -26.83
CA ASP B 28 14.56 0.91 -27.44
C ASP B 28 13.19 0.42 -26.94
N ARG B 29 12.88 0.62 -25.64
CA ARG B 29 11.58 0.18 -25.11
C ARG B 29 10.42 0.95 -25.76
N THR B 30 10.67 2.24 -26.08
CA THR B 30 9.62 3.08 -26.70
C THR B 30 9.32 2.53 -28.10
N LEU B 31 10.37 2.30 -28.91
CA LEU B 31 10.16 1.75 -30.25
C LEU B 31 9.45 0.40 -30.17
N VAL B 32 9.89 -0.48 -29.26
CA VAL B 32 9.27 -1.80 -29.08
C VAL B 32 7.75 -1.66 -28.80
N SER B 33 7.37 -0.64 -27.98
CA SER B 33 5.96 -0.42 -27.63
C SER B 33 5.10 0.02 -28.84
N TYR B 34 5.75 0.43 -29.95
CA TYR B 34 4.99 0.84 -31.15
C TYR B 34 4.90 -0.31 -32.15
N ILE B 35 5.87 -1.23 -32.11
CA ILE B 35 5.97 -2.34 -33.07
C ILE B 35 5.25 -3.61 -32.65
N TYR B 36 5.29 -3.93 -31.35
CA TYR B 36 4.77 -5.19 -30.86
C TYR B 36 3.54 -5.03 -29.98
N GLY B 37 2.88 -6.17 -29.79
CA GLY B 37 1.78 -6.34 -28.86
C GLY B 37 2.04 -7.56 -28.00
N ALA B 38 1.07 -7.92 -27.15
CA ALA B 38 1.24 -9.06 -26.26
C ALA B 38 -0.10 -9.79 -26.12
N LEU B 39 -0.17 -10.81 -25.22
CA LEU B 39 -1.48 -11.47 -25.00
C LEU B 39 -2.48 -10.45 -24.46
N VAL B 40 -2.04 -9.62 -23.50
CA VAL B 40 -2.91 -8.59 -22.88
C VAL B 40 -2.13 -7.27 -22.89
N ARG B 41 -2.77 -6.14 -22.54
CA ARG B 41 -1.98 -4.93 -22.57
C ARG B 41 -2.46 -3.97 -21.52
N PHE B 42 -1.60 -3.05 -21.14
CA PHE B 42 -2.02 -1.93 -20.29
C PHE B 42 -2.96 -1.10 -21.17
N ALA B 43 -3.96 -0.44 -20.58
CA ALA B 43 -4.81 0.43 -21.37
C ALA B 43 -3.93 1.56 -21.90
N PRO B 44 -4.09 1.94 -23.19
CA PRO B 44 -3.31 3.07 -23.71
C PRO B 44 -3.46 4.28 -22.79
N GLY B 45 -2.32 4.85 -22.40
CA GLY B 45 -2.28 6.01 -21.51
C GLY B 45 -2.20 5.66 -20.03
N SER B 46 -2.19 4.37 -19.69
CA SER B 46 -2.03 3.94 -18.28
C SER B 46 -0.76 3.09 -18.09
N ALA B 47 -0.10 3.28 -16.93
CA ALA B 47 1.04 2.45 -16.54
C ALA B 47 0.60 1.59 -15.35
N ASN B 48 -0.71 1.56 -15.05
CA ASN B 48 -1.19 0.79 -13.90
C ASN B 48 -1.66 -0.59 -14.33
N PRO B 49 -1.14 -1.69 -13.72
CA PRO B 49 -1.64 -3.04 -14.08
C PRO B 49 -3.13 -3.20 -13.88
N SER B 50 -3.77 -2.32 -13.06
CA SER B 50 -5.22 -2.38 -12.87
C SER B 50 -5.97 -2.23 -14.19
N SER B 51 -5.35 -1.53 -15.15
CA SER B 51 -5.97 -1.22 -16.45
C SER B 51 -5.86 -2.33 -17.49
N ILE B 52 -5.15 -3.41 -17.19
CA ILE B 52 -4.85 -4.45 -18.19
C ILE B 52 -6.13 -4.97 -18.84
N GLU B 53 -6.08 -5.06 -20.18
CA GLU B 53 -7.20 -5.45 -21.03
C GLU B 53 -6.74 -6.39 -22.15
N ALA B 54 -7.69 -6.99 -22.88
CA ALA B 54 -7.37 -7.90 -23.98
C ALA B 54 -6.47 -7.26 -25.07
N ASP B 55 -5.54 -8.04 -25.65
CA ASP B 55 -4.73 -7.59 -26.78
C ASP B 55 -4.80 -8.76 -27.78
N LEU B 56 -3.72 -9.56 -27.96
CA LEU B 56 -3.80 -10.72 -28.87
C LEU B 56 -4.85 -11.72 -28.34
N ALA B 57 -4.93 -11.90 -27.00
CA ALA B 57 -5.93 -12.80 -26.41
C ALA B 57 -7.24 -12.05 -26.34
N GLU B 58 -8.32 -12.66 -26.82
CA GLU B 58 -9.65 -12.04 -26.74
C GLU B 58 -10.31 -12.36 -25.39
N SER B 59 -9.95 -13.52 -24.79
CA SER B 59 -10.52 -13.93 -23.51
C SER B 59 -9.58 -14.90 -22.84
N TRP B 60 -9.74 -15.08 -21.53
CA TRP B 60 -8.93 -16.03 -20.81
C TRP B 60 -9.66 -16.45 -19.57
N GLU B 61 -9.23 -17.58 -19.02
CA GLU B 61 -9.83 -18.10 -17.81
C GLU B 61 -8.79 -18.91 -17.05
N SER B 62 -8.99 -19.05 -15.75
CA SER B 62 -8.09 -19.88 -14.96
C SER B 62 -8.92 -20.99 -14.32
N ASN B 63 -8.24 -22.06 -13.90
CA ASN B 63 -8.92 -23.12 -13.14
C ASN B 63 -9.07 -22.58 -11.68
N ALA B 64 -9.80 -23.33 -10.83
CA ALA B 64 -10.04 -22.87 -9.45
C ALA B 64 -8.78 -22.50 -8.66
N ASP B 65 -7.71 -23.31 -8.77
CA ASP B 65 -6.51 -22.99 -8.00
C ASP B 65 -5.64 -21.91 -8.63
N GLN B 66 -6.04 -21.40 -9.82
CA GLN B 66 -5.31 -20.34 -10.52
C GLN B 66 -3.87 -20.74 -10.87
N LEU B 67 -3.67 -22.04 -11.11
CA LEU B 67 -2.35 -22.51 -11.55
C LEU B 67 -2.35 -22.78 -13.06
N VAL B 68 -3.53 -22.90 -13.65
CA VAL B 68 -3.61 -23.21 -15.08
C VAL B 68 -4.49 -22.15 -15.72
N TRP B 69 -3.90 -21.40 -16.65
CA TRP B 69 -4.57 -20.30 -17.35
C TRP B 69 -4.69 -20.64 -18.82
N THR B 70 -5.90 -20.44 -19.38
CA THR B 70 -6.14 -20.73 -20.79
C THR B 70 -6.50 -19.43 -21.50
N PHE B 71 -5.71 -19.07 -22.50
CA PHE B 71 -5.90 -17.86 -23.31
C PHE B 71 -6.44 -18.21 -24.69
N LYS B 72 -7.55 -17.58 -25.08
CA LYS B 72 -8.13 -17.79 -26.41
C LYS B 72 -7.68 -16.62 -27.27
N LEU B 73 -6.98 -16.92 -28.37
CA LEU B 73 -6.43 -15.90 -29.24
C LEU B 73 -7.41 -15.42 -30.24
N ARG B 74 -7.34 -14.12 -30.56
CA ARG B 74 -8.20 -13.56 -31.59
C ARG B 74 -7.88 -14.19 -32.91
N PRO B 75 -8.90 -14.54 -33.72
CA PRO B 75 -8.58 -15.04 -35.05
C PRO B 75 -8.20 -13.85 -35.94
N ASP B 76 -7.36 -14.15 -36.90
CA ASP B 76 -6.90 -13.27 -37.97
C ASP B 76 -6.08 -12.04 -37.52
N VAL B 77 -5.29 -12.15 -36.43
CA VAL B 77 -4.33 -11.11 -36.10
C VAL B 77 -3.14 -11.48 -36.98
N LYS B 78 -2.68 -10.53 -37.80
CA LYS B 78 -1.63 -10.80 -38.77
C LYS B 78 -0.31 -10.22 -38.32
N TRP B 79 0.76 -10.93 -38.62
CA TRP B 79 2.10 -10.38 -38.40
C TRP B 79 2.37 -9.35 -39.47
N GLN B 80 3.25 -8.39 -39.17
CA GLN B 80 3.72 -7.44 -40.19
C GLN B 80 4.57 -8.23 -41.21
N GLY B 81 4.79 -7.64 -42.38
CA GLY B 81 5.68 -8.16 -43.40
C GLY B 81 5.32 -9.46 -44.10
N GLY B 82 4.10 -9.94 -43.93
CA GLY B 82 3.64 -11.15 -44.63
C GLY B 82 3.90 -12.46 -43.92
N TYR B 83 4.25 -12.43 -42.62
CA TYR B 83 4.51 -13.66 -41.88
C TYR B 83 3.24 -14.46 -41.53
N GLY B 84 2.07 -13.94 -41.89
CA GLY B 84 0.80 -14.62 -41.72
C GLY B 84 0.13 -14.43 -40.37
N ASN B 85 -0.82 -15.33 -40.04
CA ASN B 85 -1.60 -15.27 -38.82
C ASN B 85 -0.76 -15.53 -37.59
N VAL B 86 -1.02 -14.80 -36.50
CA VAL B 86 -0.36 -15.04 -35.22
C VAL B 86 -1.00 -16.29 -34.62
N THR B 87 -0.19 -17.26 -34.20
CA THR B 87 -0.72 -18.51 -33.67
C THR B 87 -0.24 -18.78 -32.27
N ALA B 88 -0.86 -19.78 -31.62
CA ALA B 88 -0.43 -20.25 -30.31
C ALA B 88 1.05 -20.69 -30.34
N ASP B 89 1.54 -21.25 -31.48
CA ASP B 89 2.96 -21.64 -31.57
C ASP B 89 3.91 -20.43 -31.41
N ASP B 90 3.51 -19.25 -31.91
CA ASP B 90 4.32 -18.03 -31.73
C ASP B 90 4.35 -17.64 -30.25
N VAL B 91 3.21 -17.76 -29.56
CA VAL B 91 3.13 -17.41 -28.14
C VAL B 91 4.01 -18.35 -27.33
N VAL B 92 3.92 -19.67 -27.59
CA VAL B 92 4.77 -20.65 -26.88
C VAL B 92 6.22 -20.30 -27.13
N PHE B 93 6.59 -20.05 -28.41
CA PHE B 93 7.98 -19.73 -28.74
C PHE B 93 8.45 -18.48 -27.97
N SER B 94 7.60 -17.43 -27.99
CA SER B 94 7.96 -16.15 -27.38
C SER B 94 8.13 -16.23 -25.88
N LEU B 95 7.12 -16.81 -25.18
CA LEU B 95 7.17 -16.91 -23.72
C LEU B 95 8.27 -17.86 -23.26
N ASP B 96 8.54 -18.93 -24.04
CA ASP B 96 9.67 -19.80 -23.66
C ASP B 96 10.98 -19.07 -23.84
N LYS B 97 11.06 -18.18 -24.84
CA LYS B 97 12.27 -17.39 -25.09
C LYS B 97 12.42 -16.37 -23.93
N ALA B 98 11.33 -15.68 -23.57
CA ALA B 98 11.33 -14.68 -22.51
C ALA B 98 11.82 -15.26 -21.18
N ARG B 99 11.45 -16.54 -20.88
CA ARG B 99 11.78 -17.15 -19.60
C ARG B 99 13.12 -17.90 -19.60
N ASP B 100 13.88 -17.81 -20.70
CA ASP B 100 15.18 -18.47 -20.86
C ASP B 100 16.32 -17.47 -20.58
N PRO B 101 17.16 -17.67 -19.53
CA PRO B 101 18.25 -16.69 -19.27
C PRO B 101 19.26 -16.55 -20.38
N LYS B 102 19.32 -17.52 -21.31
CA LYS B 102 20.25 -17.49 -22.43
C LYS B 102 19.73 -16.67 -23.61
N ARG B 103 18.42 -16.33 -23.63
CA ARG B 103 17.78 -15.64 -24.77
C ARG B 103 16.92 -14.45 -24.35
N SER B 104 17.09 -13.97 -23.12
CA SER B 104 16.24 -12.89 -22.61
C SER B 104 16.95 -12.20 -21.47
N ALA B 105 16.75 -10.88 -21.34
CA ALA B 105 17.31 -10.12 -20.22
C ALA B 105 16.33 -10.12 -19.04
N PHE B 106 15.12 -10.66 -19.24
CA PHE B 106 14.03 -10.58 -18.27
C PHE B 106 13.51 -11.93 -17.76
N SER B 107 14.33 -12.99 -17.89
CA SER B 107 13.90 -14.34 -17.53
C SER B 107 13.47 -14.51 -16.10
N GLY B 108 14.12 -13.79 -15.17
CA GLY B 108 13.82 -13.92 -13.73
C GLY B 108 12.38 -13.57 -13.37
N ASP B 109 11.77 -12.64 -14.12
CA ASP B 109 10.36 -12.26 -13.87
C ASP B 109 9.42 -13.48 -14.11
N TYR B 110 9.86 -14.45 -14.93
CA TYR B 110 9.07 -15.62 -15.36
C TYR B 110 9.44 -16.93 -14.66
N ALA B 111 10.17 -16.83 -13.56
CA ALA B 111 10.59 -18.03 -12.82
C ALA B 111 9.46 -18.93 -12.38
N ALA B 112 8.24 -18.39 -12.15
CA ALA B 112 7.12 -19.21 -11.67
C ALA B 112 6.32 -19.88 -12.78
N ILE B 113 6.68 -19.64 -14.05
CA ILE B 113 5.96 -20.29 -15.14
C ILE B 113 6.55 -21.71 -15.26
N GLN B 114 5.69 -22.74 -15.31
CA GLN B 114 6.17 -24.12 -15.45
C GLN B 114 6.20 -24.50 -16.92
N LYS B 115 5.08 -24.29 -17.62
CA LYS B 115 5.03 -24.60 -19.03
C LYS B 115 4.05 -23.71 -19.79
N VAL B 116 4.28 -23.62 -21.10
CA VAL B 116 3.43 -22.85 -22.01
C VAL B 116 3.19 -23.81 -23.16
N GLU B 117 1.92 -24.12 -23.43
CA GLU B 117 1.55 -25.11 -24.44
C GLU B 117 0.50 -24.60 -25.42
N ALA B 118 0.62 -25.02 -26.68
CA ALA B 118 -0.35 -24.71 -27.72
C ALA B 118 -1.37 -25.85 -27.73
N VAL B 119 -2.59 -25.58 -27.24
CA VAL B 119 -3.66 -26.59 -27.20
C VAL B 119 -4.17 -26.81 -28.63
N ASP B 120 -4.30 -25.70 -29.37
CA ASP B 120 -4.61 -25.64 -30.80
C ASP B 120 -4.06 -24.32 -31.31
N ALA B 121 -4.25 -24.00 -32.59
CA ALA B 121 -3.71 -22.77 -33.16
C ALA B 121 -4.17 -21.47 -32.47
N LYS B 122 -5.33 -21.50 -31.78
CA LYS B 122 -5.90 -20.31 -31.15
C LYS B 122 -6.05 -20.42 -29.63
N THR B 123 -5.39 -21.41 -29.00
CA THR B 123 -5.53 -21.59 -27.55
C THR B 123 -4.16 -21.85 -26.93
N VAL B 124 -3.80 -21.06 -25.91
CA VAL B 124 -2.53 -21.19 -25.21
C VAL B 124 -2.85 -21.56 -23.75
N ARG B 125 -2.19 -22.58 -23.22
CA ARG B 125 -2.35 -22.95 -21.82
C ARG B 125 -1.03 -22.65 -21.12
N ILE B 126 -1.11 -21.86 -20.06
CA ILE B 126 0.07 -21.51 -19.25
C ILE B 126 -0.13 -22.14 -17.89
N THR B 127 0.82 -22.98 -17.48
CA THR B 127 0.76 -23.66 -16.18
C THR B 127 1.84 -23.04 -15.31
N LEU B 128 1.47 -22.73 -14.07
CA LEU B 128 2.36 -22.08 -13.11
C LEU B 128 2.80 -23.07 -12.05
N THR B 129 3.97 -22.81 -11.45
CA THR B 129 4.49 -23.64 -10.35
C THR B 129 3.81 -23.25 -9.02
N ARG B 130 3.18 -22.07 -8.98
CA ARG B 130 2.47 -21.57 -7.79
C ARG B 130 1.61 -20.38 -8.25
N ARG B 131 0.69 -19.90 -7.42
CA ARG B 131 -0.09 -18.73 -7.85
C ARG B 131 0.81 -17.52 -8.06
N VAL B 132 0.52 -16.75 -9.12
CA VAL B 132 1.31 -15.56 -9.47
C VAL B 132 0.29 -14.40 -9.55
N PRO B 133 0.11 -13.67 -8.45
CA PRO B 133 -0.90 -12.59 -8.43
C PRO B 133 -0.79 -11.60 -9.60
N SER B 134 0.44 -11.24 -9.97
CA SER B 134 0.66 -10.24 -11.02
C SER B 134 0.91 -10.87 -12.40
N LEU B 135 0.33 -12.07 -12.66
CA LEU B 135 0.55 -12.75 -13.93
C LEU B 135 0.22 -11.87 -15.14
N LEU B 136 -0.93 -11.15 -15.08
CA LEU B 136 -1.30 -10.35 -16.26
C LEU B 136 -0.26 -9.28 -16.61
N ALA B 137 0.39 -8.68 -15.61
CA ALA B 137 1.47 -7.70 -15.89
C ALA B 137 2.62 -8.42 -16.63
N LEU B 138 2.96 -9.67 -16.21
CA LEU B 138 4.04 -10.42 -16.87
C LEU B 138 3.71 -10.72 -18.34
N LEU B 139 2.41 -10.84 -18.66
CA LEU B 139 1.97 -11.20 -20.00
C LEU B 139 1.58 -9.98 -20.83
N SER B 140 1.86 -8.76 -20.31
CA SER B 140 1.45 -7.54 -20.96
C SER B 140 2.50 -6.97 -21.90
N ASN B 141 2.20 -5.79 -22.46
CA ASN B 141 3.04 -5.13 -23.44
C ASN B 141 4.16 -4.37 -22.75
N PHE B 142 5.07 -5.12 -22.12
CA PHE B 142 6.25 -4.55 -21.46
C PHE B 142 7.23 -5.67 -21.24
N SER B 143 8.53 -5.34 -21.35
CA SER B 143 9.61 -6.29 -21.12
C SER B 143 9.37 -7.65 -21.83
N GLY B 144 9.34 -8.76 -21.10
CA GLY B 144 9.24 -10.09 -21.70
C GLY B 144 7.87 -10.54 -22.18
N GLY B 145 6.87 -9.67 -22.06
CA GLY B 145 5.50 -10.06 -22.44
C GLY B 145 5.21 -9.99 -23.93
N PHE B 146 5.99 -9.17 -24.67
CA PHE B 146 5.71 -8.97 -26.09
C PHE B 146 5.88 -10.26 -26.87
N ILE B 147 5.00 -10.49 -27.86
CA ILE B 147 5.02 -11.69 -28.68
C ILE B 147 5.74 -11.43 -29.99
N ILE B 148 6.65 -12.33 -30.35
CA ILE B 148 7.41 -12.25 -31.61
C ILE B 148 7.12 -13.48 -32.49
N PRO B 149 7.41 -13.41 -33.81
CA PRO B 149 7.11 -14.56 -34.67
C PRO B 149 8.19 -15.61 -34.66
N LYS B 150 7.80 -16.87 -34.40
CA LYS B 150 8.71 -18.02 -34.35
C LYS B 150 9.52 -18.09 -35.66
N LYS B 151 8.82 -18.04 -36.81
CA LYS B 151 9.50 -18.15 -38.12
C LYS B 151 10.48 -17.01 -38.39
N ALA B 152 10.08 -15.76 -38.07
CA ALA B 152 10.96 -14.58 -38.32
C ALA B 152 12.18 -14.61 -37.44
N PHE B 153 12.02 -14.92 -36.13
CA PHE B 153 13.18 -14.96 -35.24
C PHE B 153 14.11 -16.12 -35.60
N LYS B 154 13.54 -17.33 -35.87
CA LYS B 154 14.34 -18.52 -36.21
C LYS B 154 15.25 -18.29 -37.41
N GLU B 155 14.75 -17.54 -38.42
N GLU B 155 14.77 -17.54 -38.41
CA GLU B 155 15.42 -17.19 -39.66
CA GLU B 155 15.59 -17.26 -39.58
C GLU B 155 16.42 -16.04 -39.49
C GLU B 155 16.50 -16.05 -39.40
N ARG B 156 15.95 -14.88 -38.99
CA ARG B 156 16.76 -13.66 -38.86
C ARG B 156 17.84 -13.72 -37.78
N GLY B 157 17.57 -14.48 -36.71
CA GLY B 157 18.52 -14.68 -35.63
C GLY B 157 19.12 -13.40 -35.11
N ASP B 158 20.46 -13.28 -35.24
CA ASP B 158 21.21 -12.09 -34.78
C ASP B 158 20.80 -10.78 -35.46
N ASP B 159 20.15 -10.86 -36.63
CA ASP B 159 19.71 -9.68 -37.37
C ASP B 159 18.32 -9.22 -36.97
N PHE B 160 17.57 -10.05 -36.22
CA PHE B 160 16.22 -9.67 -35.79
C PHE B 160 16.19 -8.37 -35.02
N LYS B 161 17.20 -8.14 -34.15
CA LYS B 161 17.29 -6.93 -33.32
C LYS B 161 17.30 -5.60 -34.12
N ARG B 162 17.68 -5.66 -35.42
CA ARG B 162 17.68 -4.49 -36.30
C ARG B 162 16.65 -4.61 -37.44
N ARG B 163 15.95 -5.75 -37.53
CA ARG B 163 14.89 -5.98 -38.54
C ARG B 163 13.71 -6.64 -37.82
N PRO B 164 13.08 -5.91 -36.86
CA PRO B 164 12.02 -6.52 -36.04
C PRO B 164 10.74 -6.76 -36.81
N VAL B 165 9.95 -7.73 -36.31
CA VAL B 165 8.65 -8.06 -36.91
C VAL B 165 7.70 -8.23 -35.74
N GLY B 166 6.65 -7.42 -35.69
CA GLY B 166 5.64 -7.54 -34.64
C GLY B 166 4.25 -7.53 -35.24
N PHE B 167 3.22 -7.52 -34.36
CA PHE B 167 1.84 -7.40 -34.86
C PHE B 167 1.22 -6.07 -34.39
N GLY B 168 2.06 -5.19 -33.83
CA GLY B 168 1.69 -3.87 -33.35
C GLY B 168 1.30 -2.94 -34.49
N PRO B 169 0.87 -1.70 -34.12
CA PRO B 169 0.34 -0.77 -35.15
C PRO B 169 1.37 -0.16 -36.09
N PHE B 170 2.69 -0.18 -35.74
CA PHE B 170 3.69 0.40 -36.63
C PHE B 170 4.79 -0.60 -36.89
N GLN B 171 5.35 -0.58 -38.09
CA GLN B 171 6.45 -1.49 -38.42
C GLN B 171 7.68 -0.69 -38.80
N VAL B 172 8.86 -1.28 -38.61
CA VAL B 172 10.11 -0.62 -38.98
C VAL B 172 10.32 -0.77 -40.48
N GLU B 173 10.26 0.35 -41.19
CA GLU B 173 10.51 0.33 -42.64
C GLU B 173 12.03 0.35 -42.91
N SER B 174 12.76 1.20 -42.17
CA SER B 174 14.22 1.35 -42.30
C SER B 174 14.83 2.03 -41.08
N ILE B 175 16.13 1.79 -40.87
CA ILE B 175 16.91 2.44 -39.82
C ILE B 175 18.04 3.18 -40.53
N GLN B 176 18.22 4.46 -40.20
CA GLN B 176 19.31 5.31 -40.73
C GLN B 176 20.22 5.39 -39.48
N PRO B 177 21.26 4.49 -39.35
CA PRO B 177 22.04 4.44 -38.10
C PRO B 177 22.52 5.77 -37.54
N GLY B 178 22.21 5.98 -36.26
CA GLY B 178 22.58 7.21 -35.57
C GLY B 178 21.82 8.45 -35.98
N GLN B 179 20.82 8.31 -36.89
CA GLN B 179 20.04 9.47 -37.35
C GLN B 179 18.56 9.31 -37.02
N SER B 180 17.97 8.19 -37.47
CA SER B 180 16.53 7.96 -37.27
C SER B 180 16.06 6.56 -37.56
N VAL B 181 14.82 6.26 -37.10
CA VAL B 181 14.10 5.04 -37.44
C VAL B 181 12.87 5.53 -38.17
N THR B 182 12.57 4.92 -39.33
CA THR B 182 11.36 5.25 -40.07
C THR B 182 10.40 4.12 -39.83
N LEU B 183 9.25 4.45 -39.20
CA LEU B 183 8.19 3.47 -38.99
C LEU B 183 7.01 3.82 -39.88
N THR B 184 6.31 2.81 -40.38
CA THR B 184 5.13 3.04 -41.20
C THR B 184 3.95 2.32 -40.57
N ALA B 185 2.74 2.79 -40.87
CA ALA B 185 1.53 2.18 -40.32
C ALA B 185 1.40 0.77 -40.81
N ASN B 186 0.99 -0.12 -39.89
CA ASN B 186 0.69 -1.51 -40.21
C ASN B 186 -0.74 -1.46 -40.75
N ALA B 187 -0.90 -1.50 -42.09
CA ALA B 187 -2.22 -1.40 -42.72
C ALA B 187 -3.20 -2.51 -42.29
N GLU B 188 -2.67 -3.66 -41.81
CA GLU B 188 -3.50 -4.80 -41.39
C GLU B 188 -3.67 -4.88 -39.88
N TYR B 189 -3.32 -3.82 -39.14
CA TYR B 189 -3.42 -3.83 -37.67
C TYR B 189 -4.84 -4.19 -37.26
N PHE B 190 -4.98 -5.22 -36.41
CA PHE B 190 -6.27 -5.80 -36.08
C PHE B 190 -7.30 -4.82 -35.48
N ARG B 191 -6.87 -3.69 -34.88
CA ARG B 191 -7.82 -2.72 -34.30
C ARG B 191 -8.23 -1.67 -35.33
N GLY B 192 -7.62 -1.73 -36.50
CA GLY B 192 -7.87 -0.79 -37.58
C GLY B 192 -6.57 -0.15 -38.03
N LYS B 193 -6.53 0.29 -39.28
CA LYS B 193 -5.33 0.92 -39.82
C LYS B 193 -5.04 2.26 -39.08
N PRO B 194 -3.79 2.48 -38.63
CA PRO B 194 -3.50 3.76 -37.97
C PRO B 194 -3.85 5.01 -38.77
N LYS B 195 -4.19 6.09 -38.04
CA LYS B 195 -4.48 7.39 -38.64
C LYS B 195 -3.19 8.05 -39.12
N LEU B 196 -2.06 7.71 -38.48
CA LEU B 196 -0.75 8.19 -38.93
C LEU B 196 -0.23 7.21 -39.97
N SER B 197 0.41 7.71 -41.01
CA SER B 197 0.99 6.84 -42.03
C SER B 197 2.44 6.55 -41.75
N LYS B 198 3.14 7.48 -41.05
CA LYS B 198 4.57 7.35 -40.81
C LYS B 198 4.99 8.02 -39.52
N ILE B 199 6.04 7.47 -38.88
CA ILE B 199 6.69 8.06 -37.73
C ILE B 199 8.17 8.19 -38.10
N SER B 200 8.72 9.39 -37.98
CA SER B 200 10.14 9.64 -38.17
C SER B 200 10.66 9.84 -36.76
N TYR B 201 11.38 8.83 -36.25
CA TYR B 201 11.87 8.76 -34.87
C TYR B 201 13.31 9.17 -34.92
N ARG B 202 13.59 10.43 -34.54
CA ARG B 202 14.90 11.05 -34.68
C ARG B 202 15.76 11.00 -33.42
N PHE B 203 17.04 10.59 -33.59
CA PHE B 203 18.02 10.50 -32.51
C PHE B 203 18.65 11.87 -32.38
N LEU B 204 18.25 12.60 -31.33
CA LEU B 204 18.73 13.96 -31.08
C LEU B 204 19.13 14.06 -29.63
N ASN B 205 20.23 13.37 -29.26
CA ASN B 205 20.72 13.36 -27.88
C ASN B 205 21.10 14.73 -27.35
N ASN B 206 21.62 15.62 -28.22
CA ASN B 206 22.01 16.97 -27.80
C ASN B 206 20.74 17.80 -27.57
N GLU B 207 20.51 18.21 -26.31
CA GLU B 207 19.30 18.96 -25.92
C GLU B 207 19.12 20.26 -26.70
N ALA B 208 20.22 21.00 -26.95
CA ALA B 208 20.14 22.26 -27.71
C ALA B 208 19.64 22.01 -29.14
N ALA B 209 20.18 20.97 -29.83
CA ALA B 209 19.76 20.63 -31.20
C ALA B 209 18.30 20.13 -31.22
N ARG B 210 17.91 19.32 -30.21
CA ARG B 210 16.53 18.81 -30.15
C ARG B 210 15.53 19.95 -29.92
N ASP B 211 15.87 20.93 -29.02
CA ASP B 211 15.00 22.08 -28.74
C ASP B 211 14.87 22.98 -29.98
N LEU B 212 15.96 23.20 -30.70
CA LEU B 212 15.95 24.04 -31.91
C LEU B 212 15.04 23.39 -32.98
N ALA B 213 15.13 22.05 -33.12
CA ALA B 213 14.32 21.28 -34.06
C ALA B 213 12.83 21.37 -33.69
N PHE B 214 12.51 21.33 -32.39
CA PHE B 214 11.11 21.49 -31.94
C PHE B 214 10.62 22.93 -32.19
N GLU B 215 11.45 23.93 -31.87
CA GLU B 215 11.09 25.35 -32.04
C GLU B 215 10.95 25.76 -33.51
N SER B 216 11.72 25.10 -34.41
CA SER B 216 11.72 25.38 -35.85
C SER B 216 10.57 24.66 -36.60
N GLY B 217 9.82 23.82 -35.90
CA GLY B 217 8.71 23.08 -36.46
C GLY B 217 9.09 21.78 -37.17
N GLU B 218 10.34 21.30 -36.98
CA GLU B 218 10.80 20.03 -37.56
C GLU B 218 10.20 18.85 -36.78
N LEU B 219 9.89 19.05 -35.49
CA LEU B 219 9.37 17.98 -34.63
C LEU B 219 7.98 18.29 -34.11
N ASP B 220 7.14 17.27 -34.06
CA ASP B 220 5.80 17.41 -33.47
C ASP B 220 5.89 17.07 -31.97
N VAL B 221 6.88 16.25 -31.61
CA VAL B 221 7.09 15.80 -30.24
C VAL B 221 8.57 15.84 -29.94
N GLU B 222 8.93 16.24 -28.73
CA GLU B 222 10.32 16.17 -28.31
C GLU B 222 10.44 15.74 -26.87
N GLN B 223 11.42 14.89 -26.60
CA GLN B 223 11.70 14.49 -25.22
C GLN B 223 12.29 15.70 -24.51
N GLY B 224 11.86 15.91 -23.27
CA GLY B 224 12.35 17.02 -22.47
C GLY B 224 13.41 16.54 -21.52
N ASN B 225 13.53 17.23 -20.40
CA ASN B 225 14.46 16.79 -19.35
C ASN B 225 13.81 17.03 -17.99
N GLN B 226 14.57 16.87 -16.91
CA GLN B 226 14.01 17.00 -15.55
C GLN B 226 14.07 18.42 -14.96
N ASP B 227 14.67 19.36 -15.70
CA ASP B 227 14.86 20.75 -15.28
C ASP B 227 13.57 21.57 -15.46
N GLN B 228 13.12 22.23 -14.38
CA GLN B 228 11.93 23.07 -14.41
C GLN B 228 12.10 24.28 -15.34
N ARG B 229 13.34 24.71 -15.59
CA ARG B 229 13.65 25.82 -16.49
C ARG B 229 13.23 25.47 -17.93
N TRP B 230 13.44 24.18 -18.32
CA TRP B 230 13.02 23.68 -19.62
C TRP B 230 11.50 23.66 -19.67
N LEU B 231 10.88 23.15 -18.59
CA LEU B 231 9.44 23.02 -18.43
C LEU B 231 8.75 24.39 -18.51
N GLN B 232 9.35 25.42 -17.88
CA GLN B 232 8.82 26.79 -17.89
C GLN B 232 8.91 27.43 -19.28
N ARG B 233 10.05 27.24 -19.96
CA ARG B 233 10.29 27.75 -21.31
C ARG B 233 9.30 27.16 -22.32
N LEU B 234 9.08 25.84 -22.26
CA LEU B 234 8.17 25.17 -23.19
C LEU B 234 6.70 25.51 -22.94
N THR B 235 6.23 25.49 -21.67
CA THR B 235 4.84 25.83 -21.33
C THR B 235 4.47 27.30 -21.61
N ALA B 236 5.49 28.20 -21.70
CA ALA B 236 5.30 29.63 -21.99
C ALA B 236 4.61 29.88 -23.34
N ASN B 237 4.84 28.98 -24.32
CA ASN B 237 4.21 29.06 -25.64
C ASN B 237 2.82 28.38 -25.53
N PRO B 238 1.71 29.10 -25.78
CA PRO B 238 0.37 28.48 -25.66
C PRO B 238 0.09 27.32 -26.62
N GLU B 239 0.90 27.18 -27.69
CA GLU B 239 0.77 26.11 -28.70
C GLU B 239 1.40 24.78 -28.23
N ASN B 240 2.22 24.83 -27.18
CA ASN B 240 2.91 23.66 -26.66
C ASN B 240 2.15 23.06 -25.49
N VAL B 241 2.25 21.74 -25.36
CA VAL B 241 1.68 20.99 -24.25
C VAL B 241 2.84 20.15 -23.72
N VAL B 242 3.05 20.18 -22.40
CA VAL B 242 4.07 19.32 -21.81
C VAL B 242 3.35 18.19 -21.06
N ASP B 243 3.68 16.94 -21.42
CA ASP B 243 3.13 15.77 -20.74
C ASP B 243 4.18 15.27 -19.74
N THR B 244 3.77 15.06 -18.47
CA THR B 244 4.62 14.47 -17.43
C THR B 244 4.02 13.09 -17.27
N ILE B 245 4.83 12.07 -17.52
CA ILE B 245 4.36 10.70 -17.70
C ILE B 245 4.82 9.77 -16.59
N GLU B 246 3.87 9.05 -16.01
CA GLU B 246 4.19 8.02 -15.02
C GLU B 246 4.68 6.76 -15.77
N PRO B 247 5.38 5.83 -15.10
CA PRO B 247 5.80 5.90 -13.69
C PRO B 247 7.03 6.77 -13.52
N ALA B 248 7.23 7.27 -12.30
CA ALA B 248 8.45 8.01 -12.01
C ALA B 248 9.61 6.99 -11.93
N GLU B 249 10.75 7.35 -12.53
CA GLU B 249 11.90 6.46 -12.51
C GLU B 249 12.81 6.86 -11.35
N LEU B 250 13.15 5.92 -10.47
CA LEU B 250 14.00 6.24 -9.31
C LEU B 250 15.46 6.11 -9.67
N ASN B 251 16.25 7.14 -9.35
CA ASN B 251 17.70 7.16 -9.58
C ASN B 251 18.37 6.82 -8.27
N LEU B 252 19.32 5.88 -8.30
CA LEU B 252 20.06 5.54 -7.10
C LEU B 252 21.51 5.45 -7.44
N LEU B 253 22.37 5.61 -6.40
CA LEU B 253 23.78 5.32 -6.54
C LEU B 253 23.93 3.89 -6.02
N HIS B 254 24.14 2.90 -6.88
CA HIS B 254 24.32 1.50 -6.46
C HIS B 254 25.81 1.33 -6.23
N ILE B 255 26.23 1.05 -5.00
CA ILE B 255 27.66 0.95 -4.70
C ILE B 255 28.08 -0.54 -4.68
N ASN B 256 29.18 -0.88 -5.38
CA ASN B 256 29.62 -2.27 -5.34
C ASN B 256 30.28 -2.48 -3.98
N ILE B 257 29.55 -3.14 -3.06
CA ILE B 257 30.00 -3.34 -1.66
C ILE B 257 31.18 -4.32 -1.54
N THR B 258 31.59 -4.98 -2.64
CA THR B 258 32.72 -5.93 -2.53
C THR B 258 34.05 -5.30 -2.90
N LYS B 259 34.03 -4.05 -3.42
CA LYS B 259 35.27 -3.43 -3.90
C LYS B 259 35.77 -2.35 -2.95
N PRO B 260 37.01 -2.46 -2.46
CA PRO B 260 37.57 -1.39 -1.63
C PRO B 260 37.58 -0.07 -2.43
N PRO B 261 37.38 1.08 -1.77
CA PRO B 261 37.23 1.28 -0.32
C PRO B 261 35.80 1.11 0.18
N PHE B 262 34.88 0.82 -0.75
CA PHE B 262 33.46 0.76 -0.41
C PHE B 262 33.02 -0.56 0.24
N ASN B 263 33.97 -1.46 0.53
CA ASN B 263 33.66 -2.66 1.30
C ASN B 263 33.65 -2.32 2.81
N ASP B 264 34.05 -1.09 3.20
CA ASP B 264 33.97 -0.62 4.59
C ASP B 264 32.63 0.18 4.67
N ILE B 265 31.70 -0.28 5.52
CA ILE B 265 30.41 0.40 5.66
C ILE B 265 30.58 1.89 5.98
N ARG B 266 31.65 2.27 6.74
CA ARG B 266 31.86 3.69 7.11
C ARG B 266 32.04 4.57 5.89
N VAL B 267 32.70 4.02 4.85
CA VAL B 267 32.93 4.78 3.62
C VAL B 267 31.61 4.96 2.89
N ARG B 268 30.75 3.90 2.89
CA ARG B 268 29.44 3.98 2.24
C ARG B 268 28.56 4.98 2.99
N GLN B 269 28.59 4.91 4.34
CA GLN B 269 27.82 5.84 5.16
C GLN B 269 28.28 7.28 4.91
N ALA B 270 29.61 7.47 4.78
CA ALA B 270 30.16 8.79 4.50
C ALA B 270 29.58 9.33 3.20
N LEU B 271 29.51 8.50 2.15
CA LEU B 271 28.97 8.93 0.87
C LEU B 271 27.49 9.29 1.02
N ALA B 272 26.72 8.44 1.72
CA ALA B 272 25.29 8.67 1.92
C ALA B 272 25.02 9.99 2.66
N HIS B 273 25.93 10.36 3.62
CA HIS B 273 25.78 11.60 4.39
C HIS B 273 26.19 12.86 3.62
N THR B 274 26.74 12.71 2.39
CA THR B 274 27.10 13.92 1.65
C THR B 274 26.35 14.03 0.31
N VAL B 275 25.24 13.26 0.16
CA VAL B 275 24.33 13.38 -0.98
C VAL B 275 23.11 14.10 -0.38
N ASN B 276 22.43 14.97 -1.16
CA ASN B 276 21.25 15.65 -0.65
C ASN B 276 20.17 15.56 -1.73
N ALA B 277 19.35 14.49 -1.68
CA ALA B 277 18.30 14.29 -2.68
C ALA B 277 17.25 15.41 -2.64
N ALA B 278 16.90 15.89 -1.42
CA ALA B 278 15.88 16.96 -1.30
C ALA B 278 16.32 18.22 -2.05
N GLN B 279 17.62 18.55 -1.99
CA GLN B 279 18.13 19.73 -2.71
C GLN B 279 18.11 19.51 -4.24
N ILE B 280 18.36 18.26 -4.71
CA ILE B 280 18.29 17.98 -6.14
C ILE B 280 16.82 18.16 -6.60
N ALA B 281 15.88 17.64 -5.81
CA ALA B 281 14.43 17.73 -6.15
C ALA B 281 13.97 19.20 -6.17
N LYS B 282 14.42 20.01 -5.19
CA LYS B 282 14.07 21.45 -5.14
C LYS B 282 14.63 22.18 -6.34
N TYR B 283 15.88 21.89 -6.72
CA TYR B 283 16.54 22.50 -7.86
C TYR B 283 15.87 22.12 -9.18
N ARG B 284 15.65 20.82 -9.40
CA ARG B 284 15.06 20.36 -10.65
C ARG B 284 13.57 20.70 -10.78
N GLY B 285 12.87 20.73 -9.65
CA GLY B 285 11.45 21.09 -9.60
C GLY B 285 10.58 19.98 -9.08
N GLU B 286 9.69 20.31 -8.12
CA GLU B 286 8.83 19.36 -7.43
C GLU B 286 7.65 18.82 -8.26
N ARG B 287 7.32 19.39 -9.42
CA ARG B 287 6.22 18.85 -10.27
C ARG B 287 6.67 17.51 -10.92
N VAL B 288 7.94 17.44 -11.30
CA VAL B 288 8.49 16.29 -12.00
C VAL B 288 9.34 15.39 -11.12
N ASN B 289 10.00 15.99 -10.10
CA ASN B 289 11.02 15.32 -9.29
C ASN B 289 10.67 15.25 -7.83
N ARG B 290 11.04 14.14 -7.17
CA ARG B 290 10.80 14.05 -5.73
C ARG B 290 11.91 13.21 -5.11
N ALA B 291 12.37 13.61 -3.91
CA ALA B 291 13.33 12.77 -3.19
C ALA B 291 12.52 11.56 -2.68
N VAL B 292 13.13 10.38 -2.67
CA VAL B 292 12.42 9.15 -2.25
C VAL B 292 13.06 8.61 -0.97
N PRO B 293 12.26 8.40 0.10
CA PRO B 293 12.84 7.91 1.36
C PRO B 293 13.06 6.40 1.43
N SER B 294 13.34 5.74 0.29
CA SER B 294 13.63 4.30 0.27
C SER B 294 14.37 3.95 -1.02
N VAL B 295 14.61 2.66 -1.24
CA VAL B 295 15.42 2.19 -2.36
C VAL B 295 14.62 1.58 -3.50
N ILE B 296 13.29 1.78 -3.48
CA ILE B 296 12.39 1.39 -4.55
C ILE B 296 11.49 2.60 -4.83
N PRO B 297 10.92 2.71 -6.04
CA PRO B 297 10.07 3.88 -6.35
C PRO B 297 8.86 3.98 -5.42
N SER B 298 8.40 5.22 -5.16
CA SER B 298 7.32 5.43 -4.20
C SER B 298 6.01 4.76 -4.58
N ASN B 299 5.82 4.58 -5.90
N ASN B 299 5.71 4.53 -5.88
CA ASN B 299 4.66 3.91 -6.46
CA ASN B 299 4.39 3.98 -6.35
C ASN B 299 4.98 2.43 -6.59
C ASN B 299 4.15 2.45 -6.10
N ASN B 300 5.08 1.79 -5.44
CA ASN B 300 5.16 0.36 -5.27
C ASN B 300 4.30 -0.11 -4.14
N LEU B 301 3.51 -1.18 -4.36
CA LEU B 301 2.87 -1.87 -3.25
C LEU B 301 4.08 -2.38 -2.41
N GLY B 302 4.11 -2.06 -1.13
CA GLY B 302 5.18 -2.49 -0.22
C GLY B 302 6.22 -1.41 0.03
N PHE B 303 6.08 -0.23 -0.63
CA PHE B 303 7.00 0.89 -0.43
C PHE B 303 7.11 1.25 1.06
N ASP B 304 8.35 1.50 1.55
CA ASP B 304 8.55 1.88 2.96
C ASP B 304 8.86 3.39 3.03
N PRO B 305 7.89 4.23 3.47
CA PRO B 305 8.19 5.68 3.58
C PRO B 305 9.18 5.99 4.68
N ASP B 306 9.50 5.01 5.54
CA ASP B 306 10.38 5.21 6.70
C ASP B 306 11.51 4.18 6.72
N ALA B 307 12.16 3.98 5.55
CA ALA B 307 13.23 3.00 5.42
C ALA B 307 14.52 3.35 6.16
N GLY B 308 14.67 4.61 6.56
CA GLY B 308 15.85 5.04 7.33
C GLY B 308 16.98 5.67 6.53
N VAL B 309 16.64 6.35 5.41
CA VAL B 309 17.64 7.01 4.56
C VAL B 309 18.56 7.92 5.41
N LEU B 310 19.86 7.84 5.19
CA LEU B 310 20.83 8.64 5.97
C LEU B 310 20.71 10.14 5.64
N ASN B 311 20.75 10.97 6.68
CA ASN B 311 20.58 12.40 6.55
C ASN B 311 21.81 13.10 5.98
N TYR B 312 21.62 14.34 5.54
CA TYR B 312 22.70 15.14 4.98
C TYR B 312 23.51 15.73 6.11
N ASP B 313 24.82 15.39 6.17
CA ASP B 313 25.70 15.93 7.22
C ASP B 313 27.12 15.72 6.74
N PRO B 314 27.62 16.59 5.84
CA PRO B 314 28.98 16.39 5.31
C PRO B 314 30.09 16.45 6.36
N ALA B 315 29.85 17.09 7.53
CA ALA B 315 30.86 17.10 8.59
C ALA B 315 31.00 15.63 9.12
N GLN B 316 29.86 14.91 9.21
CA GLN B 316 29.85 13.50 9.65
C GLN B 316 30.57 12.64 8.56
N SER B 317 30.35 12.97 7.28
CA SER B 317 31.05 12.27 6.20
C SER B 317 32.57 12.34 6.41
N LYS B 318 33.09 13.55 6.67
CA LYS B 318 34.53 13.73 6.86
C LYS B 318 35.03 12.95 8.08
N LYS B 319 34.25 12.95 9.17
CA LYS B 319 34.61 12.22 10.40
C LYS B 319 34.69 10.70 10.12
N LEU B 320 33.69 10.17 9.39
CA LEU B 320 33.67 8.76 9.02
C LEU B 320 34.86 8.40 8.11
N LEU B 321 35.18 9.26 7.10
CA LEU B 321 36.33 8.97 6.25
C LEU B 321 37.62 8.95 7.04
N ALA B 322 37.81 9.87 7.99
CA ALA B 322 39.04 9.88 8.81
C ALA B 322 39.12 8.60 9.65
N GLU B 323 37.98 8.15 10.24
CA GLU B 323 37.91 6.89 11.03
C GLU B 323 38.25 5.67 10.16
N ALA B 324 37.86 5.71 8.87
CA ALA B 324 38.08 4.64 7.90
C ALA B 324 39.49 4.64 7.31
N GLY B 325 40.30 5.64 7.68
CA GLY B 325 41.69 5.74 7.23
C GLY B 325 41.93 6.62 6.01
N PHE B 326 40.99 7.54 5.73
CA PHE B 326 41.06 8.47 4.61
C PHE B 326 41.03 9.91 5.13
N PRO B 327 42.10 10.36 5.84
CA PRO B 327 42.09 11.74 6.38
C PRO B 327 42.09 12.83 5.31
N ASN B 328 42.48 12.48 4.06
CA ASN B 328 42.53 13.44 2.95
C ASN B 328 41.40 13.17 1.93
N GLY B 329 40.42 12.36 2.33
CA GLY B 329 39.29 12.04 1.46
C GLY B 329 39.50 10.80 0.60
N VAL B 330 38.49 10.51 -0.23
CA VAL B 330 38.43 9.37 -1.14
C VAL B 330 38.24 9.85 -2.57
N THR B 331 38.97 9.25 -3.55
CA THR B 331 38.79 9.55 -4.97
C THR B 331 38.14 8.33 -5.60
N VAL B 332 37.16 8.55 -6.50
CA VAL B 332 36.44 7.45 -7.19
C VAL B 332 36.29 7.85 -8.66
N THR B 333 36.45 6.90 -9.60
CA THR B 333 36.15 7.17 -11.01
C THR B 333 34.95 6.30 -11.37
N MET B 334 33.84 6.94 -11.72
CA MET B 334 32.57 6.29 -12.07
C MET B 334 32.37 6.38 -13.58
N VAL B 335 31.94 5.27 -14.22
CA VAL B 335 31.59 5.25 -15.66
C VAL B 335 30.18 5.79 -15.67
N ALA B 336 29.98 6.91 -16.37
CA ALA B 336 28.71 7.64 -16.33
C ALA B 336 28.03 7.74 -17.69
N SER B 337 26.72 7.50 -17.73
CA SER B 337 25.99 7.62 -19.01
C SER B 337 25.96 9.05 -19.53
N GLN B 338 26.00 9.19 -20.88
CA GLN B 338 25.86 10.45 -21.60
C GLN B 338 24.39 10.78 -21.93
N LEU B 339 23.43 9.95 -21.42
CA LEU B 339 22.01 10.32 -21.54
C LEU B 339 21.95 11.66 -20.77
N PRO B 340 21.46 12.77 -21.38
CA PRO B 340 21.62 14.09 -20.73
C PRO B 340 21.12 14.22 -19.29
N GLY B 341 19.99 13.56 -19.00
CA GLY B 341 19.41 13.60 -17.65
C GLY B 341 20.28 12.91 -16.62
N LEU B 342 20.86 11.75 -16.99
CA LEU B 342 21.78 11.03 -16.10
C LEU B 342 23.11 11.75 -15.99
N GLU B 343 23.58 12.32 -17.09
CA GLU B 343 24.84 13.05 -17.08
C GLU B 343 24.71 14.28 -16.15
N SER B 344 23.62 15.06 -16.28
CA SER B 344 23.45 16.25 -15.43
C SER B 344 23.27 15.81 -13.96
N LEU B 345 22.53 14.71 -13.72
CA LEU B 345 22.38 14.22 -12.34
C LEU B 345 23.74 13.83 -11.74
N ALA B 346 24.58 13.13 -12.53
CA ALA B 346 25.92 12.72 -12.06
C ALA B 346 26.77 13.95 -11.73
N GLN B 347 26.62 15.03 -12.53
CA GLN B 347 27.35 16.29 -12.29
C GLN B 347 26.87 16.95 -11.00
N LEU B 348 25.56 16.88 -10.72
CA LEU B 348 25.04 17.45 -9.46
C LEU B 348 25.62 16.70 -8.25
N ILE B 349 25.66 15.35 -8.35
N ILE B 349 25.66 15.35 -8.33
CA ILE B 349 26.18 14.48 -7.29
CA ILE B 349 26.18 14.48 -7.26
C ILE B 349 27.67 14.73 -7.10
C ILE B 349 27.67 14.76 -7.08
N GLN B 350 28.43 14.86 -8.21
CA GLN B 350 29.86 15.14 -8.18
C GLN B 350 30.13 16.40 -7.33
N ALA B 351 29.32 17.47 -7.54
CA ALA B 351 29.49 18.70 -6.75
C ALA B 351 29.12 18.47 -5.30
N GLN B 352 28.00 17.73 -5.05
CA GLN B 352 27.58 17.52 -3.66
C GLN B 352 28.59 16.73 -2.83
N VAL B 353 29.13 15.64 -3.39
CA VAL B 353 29.93 14.72 -2.58
C VAL B 353 31.33 15.26 -2.25
N ALA B 354 31.75 16.32 -2.97
CA ALA B 354 33.02 16.97 -2.64
C ALA B 354 32.96 17.56 -1.21
N GLU B 355 31.77 17.98 -0.76
CA GLU B 355 31.64 18.57 0.57
C GLU B 355 32.03 17.59 1.69
N GLY B 356 31.72 16.30 1.50
CA GLY B 356 31.98 15.27 2.47
C GLY B 356 33.29 14.56 2.28
N GLY B 357 34.11 15.02 1.33
CA GLY B 357 35.43 14.47 1.09
C GLY B 357 35.62 13.50 -0.07
N PHE B 358 34.62 13.42 -0.99
CA PHE B 358 34.77 12.54 -2.15
C PHE B 358 35.08 13.33 -3.40
N THR B 359 36.13 12.91 -4.14
CA THR B 359 36.43 13.44 -5.45
C THR B 359 35.85 12.39 -6.40
N LEU B 360 34.69 12.68 -6.97
CA LEU B 360 34.04 11.75 -7.89
C LEU B 360 34.36 12.18 -9.31
N ASN B 361 35.16 11.40 -10.02
CA ASN B 361 35.47 11.63 -11.41
C ASN B 361 34.46 10.89 -12.24
N LEU B 362 34.03 11.50 -13.34
CA LEU B 362 33.03 10.92 -14.24
C LEU B 362 33.72 10.59 -15.55
N GLN B 363 33.51 9.37 -16.04
CA GLN B 363 34.01 8.93 -17.33
C GLN B 363 32.80 8.77 -18.22
N PRO B 364 32.50 9.79 -19.06
CA PRO B 364 31.28 9.73 -19.89
C PRO B 364 31.33 8.69 -20.98
N VAL B 365 30.24 7.92 -21.09
CA VAL B 365 30.11 6.86 -22.11
C VAL B 365 28.69 6.95 -22.72
N GLU B 366 28.57 6.76 -24.06
CA GLU B 366 27.27 6.75 -24.74
C GLU B 366 26.36 5.76 -23.99
N HIS B 367 25.09 6.16 -23.82
CA HIS B 367 24.13 5.45 -22.97
C HIS B 367 24.07 3.91 -23.19
N ALA B 368 23.86 3.45 -24.44
CA ALA B 368 23.74 2.00 -24.68
C ALA B 368 25.06 1.27 -24.36
N ALA B 369 26.23 1.88 -24.71
CA ALA B 369 27.53 1.29 -24.41
C ALA B 369 27.72 1.23 -22.88
N TRP B 370 27.27 2.30 -22.17
CA TRP B 370 27.37 2.37 -20.72
C TRP B 370 26.55 1.21 -20.10
N HIS B 371 25.32 0.95 -20.62
CA HIS B 371 24.49 -0.16 -20.12
C HIS B 371 25.24 -1.50 -20.23
N GLN B 372 26.03 -1.67 -21.30
CA GLN B 372 26.79 -2.90 -21.51
C GLN B 372 27.97 -2.95 -20.50
N MET B 373 28.66 -1.82 -20.31
CA MET B 373 29.82 -1.79 -19.42
C MET B 373 29.45 -2.03 -17.98
N ILE B 374 28.33 -1.42 -17.50
CA ILE B 374 28.02 -1.61 -16.07
C ILE B 374 27.64 -3.08 -15.78
N ARG B 375 27.10 -3.77 -16.80
CA ARG B 375 26.73 -5.19 -16.71
C ARG B 375 27.96 -6.11 -16.80
N LYS B 376 29.17 -5.51 -16.95
CA LYS B 376 30.45 -6.22 -16.92
C LYS B 376 31.20 -5.85 -15.62
N ASP B 377 30.51 -5.13 -14.67
CA ASP B 377 31.04 -4.73 -13.37
C ASP B 377 32.22 -3.77 -13.56
N LEU B 378 32.16 -2.93 -14.58
CA LEU B 378 33.27 -2.02 -14.85
C LEU B 378 33.22 -0.73 -14.05
N SER B 379 32.12 -0.45 -13.32
CA SER B 379 32.08 0.79 -12.55
C SER B 379 31.94 0.49 -11.04
N PRO B 380 32.70 1.17 -10.15
CA PRO B 380 32.57 0.90 -8.70
C PRO B 380 31.25 1.38 -8.09
N ILE B 381 30.63 2.38 -8.73
CA ILE B 381 29.34 2.92 -8.33
C ILE B 381 28.58 3.08 -9.64
N VAL B 382 27.29 2.77 -9.63
CA VAL B 382 26.48 2.89 -10.84
C VAL B 382 25.28 3.80 -10.53
N LEU B 383 25.15 4.91 -11.26
CA LEU B 383 24.00 5.80 -11.11
C LEU B 383 23.00 5.30 -12.16
N TYR B 384 21.94 4.61 -11.71
CA TYR B 384 20.97 3.99 -12.61
C TYR B 384 19.59 4.56 -12.25
N GLY B 385 18.76 4.80 -13.26
CA GLY B 385 17.41 5.31 -13.02
C GLY B 385 16.40 4.44 -13.72
N ALA B 386 15.42 3.90 -12.98
CA ALA B 386 14.44 3.03 -13.62
C ALA B 386 13.22 2.86 -12.74
N ALA B 387 12.14 2.38 -13.35
CA ALA B 387 10.93 1.95 -12.65
C ALA B 387 10.63 0.52 -13.12
N ARG B 388 9.85 -0.24 -12.32
CA ARG B 388 9.43 -1.58 -12.73
C ARG B 388 7.94 -1.70 -12.40
N PHE B 389 7.31 -2.89 -12.64
CA PHE B 389 5.89 -3.02 -12.28
C PHE B 389 5.73 -2.62 -10.81
N PRO B 390 4.59 -1.99 -10.44
CA PRO B 390 4.46 -1.37 -9.11
C PRO B 390 4.15 -2.31 -7.95
N ILE B 391 4.95 -3.38 -7.82
CA ILE B 391 4.89 -4.30 -6.70
C ILE B 391 6.35 -4.43 -6.27
N ALA B 392 6.64 -4.24 -4.96
CA ALA B 392 8.03 -4.21 -4.48
C ALA B 392 8.87 -5.37 -4.93
N ASP B 393 8.27 -6.56 -5.10
CA ASP B 393 9.03 -7.75 -5.50
C ASP B 393 9.88 -7.51 -6.76
N TYR B 394 9.37 -6.72 -7.73
CA TYR B 394 10.12 -6.55 -8.98
C TYR B 394 11.38 -5.72 -8.75
N TYR B 395 11.24 -4.51 -8.23
CA TYR B 395 12.46 -3.71 -8.02
C TYR B 395 13.40 -4.40 -7.05
N LEU B 396 12.86 -4.99 -5.96
CA LEU B 396 13.74 -5.64 -4.97
C LEU B 396 14.49 -6.82 -5.56
N THR B 397 13.78 -7.70 -6.28
CA THR B 397 14.46 -8.89 -6.80
C THR B 397 15.53 -8.47 -7.82
N GLN B 398 15.14 -7.59 -8.76
CA GLN B 398 16.03 -7.25 -9.87
C GLN B 398 17.28 -6.48 -9.46
N PHE B 399 17.14 -5.52 -8.53
CA PHE B 399 18.25 -4.68 -8.13
C PHE B 399 18.99 -5.15 -6.89
N TYR B 400 18.35 -5.92 -5.99
CA TYR B 400 18.98 -6.21 -4.71
C TYR B 400 19.08 -7.69 -4.29
N HIS B 401 18.39 -8.62 -4.97
CA HIS B 401 18.52 -10.04 -4.56
C HIS B 401 19.87 -10.57 -5.09
N SER B 402 20.58 -11.38 -4.31
CA SER B 402 21.91 -11.84 -4.77
C SER B 402 21.89 -12.61 -6.08
N ALA B 403 20.77 -13.28 -6.44
CA ALA B 403 20.71 -14.03 -7.70
C ALA B 403 20.86 -13.08 -8.91
N SER B 404 20.51 -11.80 -8.71
CA SER B 404 20.56 -10.82 -9.77
C SER B 404 21.91 -10.12 -9.89
N GLU B 405 22.88 -10.51 -9.05
CA GLU B 405 24.15 -9.79 -9.04
C GLU B 405 24.92 -9.94 -10.34
N ILE B 406 25.54 -8.84 -10.75
CA ILE B 406 26.34 -8.82 -11.98
C ILE B 406 27.44 -9.90 -11.90
N GLY B 407 27.54 -10.71 -12.94
CA GLY B 407 28.53 -11.76 -12.99
C GLY B 407 27.92 -13.15 -12.93
N LYS B 408 26.62 -13.24 -12.56
CA LYS B 408 25.96 -14.54 -12.49
C LYS B 408 25.17 -14.81 -13.77
N PRO B 409 24.89 -16.09 -14.12
CA PRO B 409 24.04 -16.34 -15.31
C PRO B 409 22.64 -15.72 -15.17
N THR B 410 22.17 -15.60 -13.92
CA THR B 410 20.87 -15.04 -13.57
C THR B 410 20.95 -13.52 -13.32
N GLN B 411 22.07 -12.87 -13.71
CA GLN B 411 22.23 -11.43 -13.45
C GLN B 411 21.09 -10.60 -13.99
N VAL B 412 20.74 -9.53 -13.23
CA VAL B 412 19.76 -8.59 -13.73
C VAL B 412 20.42 -7.21 -13.60
N VAL B 413 20.08 -6.47 -12.52
CA VAL B 413 20.62 -5.11 -12.34
C VAL B 413 21.08 -4.89 -10.90
N ASN B 414 21.57 -5.98 -10.28
CA ASN B 414 22.08 -5.85 -8.91
C ASN B 414 23.56 -5.45 -9.03
N PHE B 415 23.76 -4.14 -9.23
CA PHE B 415 25.12 -3.56 -9.38
C PHE B 415 25.84 -3.44 -8.05
N SER B 416 25.09 -3.36 -6.94
CA SER B 416 25.75 -3.21 -5.65
C SER B 416 26.30 -4.53 -5.10
N HIS B 417 25.86 -5.67 -5.68
CA HIS B 417 26.22 -7.00 -5.20
C HIS B 417 25.62 -7.23 -3.80
N CYS B 418 24.45 -6.60 -3.57
CA CYS B 418 23.68 -6.72 -2.33
C CYS B 418 23.27 -8.19 -2.10
N ASN B 419 23.33 -8.67 -0.85
CA ASN B 419 22.84 -10.01 -0.51
C ASN B 419 22.10 -10.01 0.84
N VAL B 420 22.08 -8.86 1.53
CA VAL B 420 21.56 -8.70 2.90
C VAL B 420 20.06 -8.99 3.05
N ALA B 421 19.29 -8.85 1.98
CA ALA B 421 17.83 -8.95 2.07
C ALA B 421 17.26 -10.18 1.36
N ASP B 422 18.11 -11.15 0.97
CA ASP B 422 17.61 -12.30 0.23
C ASP B 422 16.45 -13.03 0.87
N LYS B 423 16.57 -13.36 2.17
CA LYS B 423 15.52 -14.13 2.85
C LYS B 423 14.20 -13.35 2.90
N GLN B 424 14.27 -12.03 3.15
CA GLN B 424 13.04 -11.21 3.23
C GLN B 424 12.38 -11.09 1.86
N ILE B 425 13.20 -10.91 0.82
CA ILE B 425 12.67 -10.79 -0.56
C ILE B 425 11.98 -12.10 -0.95
N GLU B 426 12.65 -13.23 -0.72
CA GLU B 426 12.09 -14.53 -1.08
C GLU B 426 10.82 -14.82 -0.29
N ALA B 427 10.84 -14.56 1.04
CA ALA B 427 9.64 -14.85 1.86
C ALA B 427 8.48 -13.93 1.45
N ALA B 428 8.77 -12.65 1.15
CA ALA B 428 7.69 -11.72 0.77
C ALA B 428 7.04 -12.15 -0.54
N ARG B 429 7.86 -12.63 -1.48
CA ARG B 429 7.37 -12.94 -2.82
C ARG B 429 6.14 -13.82 -2.83
N THR B 430 6.14 -14.84 -1.96
CA THR B 430 5.07 -15.85 -1.90
C THR B 430 4.20 -15.78 -0.65
N GLU B 431 4.39 -14.73 0.19
CA GLU B 431 3.61 -14.57 1.43
C GLU B 431 2.15 -14.25 1.07
N THR B 432 1.21 -15.07 1.59
CA THR B 432 -0.20 -14.85 1.24
C THR B 432 -0.92 -13.92 2.21
N ASP B 433 -0.38 -13.67 3.43
CA ASP B 433 -1.02 -12.72 4.36
C ASP B 433 -0.61 -11.30 3.87
N PRO B 434 -1.55 -10.45 3.41
CA PRO B 434 -1.16 -9.19 2.79
C PRO B 434 -0.33 -8.26 3.66
N ASN B 435 -0.66 -8.16 4.96
CA ASN B 435 0.09 -7.27 5.84
C ASN B 435 1.46 -7.82 6.14
N LYS B 436 1.56 -9.17 6.27
CA LYS B 436 2.88 -9.77 6.53
C LYS B 436 3.76 -9.56 5.28
N GLN B 437 3.17 -9.70 4.08
CA GLN B 437 3.93 -9.54 2.83
C GLN B 437 4.51 -8.11 2.77
N ILE B 438 3.68 -7.09 3.08
CA ILE B 438 4.15 -5.70 3.08
C ILE B 438 5.26 -5.51 4.12
N GLU B 439 5.12 -6.08 5.32
CA GLU B 439 6.15 -5.92 6.35
C GLU B 439 7.49 -6.55 5.95
N LEU B 440 7.43 -7.69 5.23
CA LEU B 440 8.67 -8.33 4.73
C LEU B 440 9.32 -7.45 3.65
N TRP B 441 8.50 -6.86 2.76
CA TRP B 441 9.07 -5.92 1.76
C TRP B 441 9.68 -4.72 2.45
N LYS B 442 9.04 -4.20 3.52
CA LYS B 442 9.61 -3.03 4.22
C LYS B 442 10.91 -3.42 4.94
N GLU B 443 10.93 -4.61 5.58
CA GLU B 443 12.16 -5.09 6.26
C GLU B 443 13.31 -5.16 5.24
N ALA B 444 13.03 -5.63 4.01
CA ALA B 444 14.09 -5.72 2.98
C ALA B 444 14.64 -4.30 2.68
N GLN B 445 13.74 -3.31 2.50
CA GLN B 445 14.17 -1.93 2.24
C GLN B 445 15.04 -1.39 3.38
N LYS B 446 14.62 -1.60 4.63
CA LYS B 446 15.39 -1.11 5.78
C LYS B 446 16.80 -1.72 5.83
N LEU B 447 16.90 -3.02 5.47
CA LEU B 447 18.21 -3.68 5.48
C LEU B 447 19.10 -3.12 4.39
N ILE B 448 18.54 -2.89 3.20
CA ILE B 448 19.37 -2.40 2.06
C ILE B 448 19.82 -0.96 2.36
N VAL B 449 18.91 -0.13 2.89
CA VAL B 449 19.23 1.25 3.23
C VAL B 449 20.31 1.30 4.31
N SER B 450 20.12 0.54 5.41
CA SER B 450 21.05 0.59 6.55
C SER B 450 22.42 0.03 6.25
N ASN B 451 22.53 -0.94 5.30
CA ASN B 451 23.83 -1.48 4.91
C ASN B 451 24.44 -0.57 3.82
N VAL B 452 23.68 0.44 3.37
CA VAL B 452 24.10 1.41 2.38
C VAL B 452 24.60 0.73 1.11
N CYS B 453 23.85 -0.24 0.61
CA CYS B 453 24.16 -0.88 -0.69
C CYS B 453 23.84 0.08 -1.83
N ALA B 454 22.84 0.93 -1.61
CA ALA B 454 22.42 1.91 -2.61
C ALA B 454 21.94 3.13 -1.86
N ILE B 455 22.14 4.29 -2.48
CA ILE B 455 21.73 5.58 -1.90
C ILE B 455 20.68 6.15 -2.85
N PRO B 456 19.44 6.33 -2.38
CA PRO B 456 18.41 6.86 -3.26
C PRO B 456 18.58 8.33 -3.50
N LEU B 457 18.23 8.75 -4.72
CA LEU B 457 18.32 10.16 -5.04
C LEU B 457 16.87 10.58 -5.26
N THR B 458 16.57 11.09 -6.43
CA THR B 458 15.22 11.52 -6.76
C THR B 458 14.60 10.49 -7.70
N GLU B 459 13.26 10.54 -7.84
CA GLU B 459 12.54 9.83 -8.89
C GLU B 459 11.97 10.93 -9.78
N ASN B 460 11.93 10.70 -11.10
CA ASN B 460 11.38 11.72 -12.00
C ASN B 460 10.35 11.14 -12.96
N LEU B 461 9.27 11.89 -13.17
CA LEU B 461 8.30 11.51 -14.20
C LEU B 461 8.98 11.73 -15.56
N GLY B 462 8.49 11.06 -16.61
CA GLY B 462 8.99 11.31 -17.97
C GLY B 462 8.47 12.67 -18.41
N THR B 463 9.27 13.46 -19.14
N THR B 463 9.28 13.47 -19.14
CA THR B 463 8.82 14.79 -19.58
CA THR B 463 8.84 14.79 -19.61
C THR B 463 8.96 14.89 -21.09
C THR B 463 8.96 14.86 -21.12
N TRP B 464 7.85 15.17 -21.78
CA TRP B 464 7.82 15.24 -23.24
C TRP B 464 6.95 16.41 -23.67
N ALA B 465 7.37 17.13 -24.72
CA ALA B 465 6.59 18.27 -25.22
C ALA B 465 5.99 17.91 -26.56
N ARG B 466 4.79 18.43 -26.85
CA ARG B 466 4.16 18.22 -28.13
C ARG B 466 3.44 19.47 -28.54
N LYS B 467 3.16 19.62 -29.83
CA LYS B 467 2.37 20.74 -30.29
C LYS B 467 0.90 20.38 -30.00
N ASN B 468 0.04 21.37 -29.72
CA ASN B 468 -1.35 21.03 -29.39
C ASN B 468 -2.19 20.52 -30.59
N LYS B 469 -1.61 20.48 -31.81
CA LYS B 469 -2.27 19.93 -33.00
C LYS B 469 -2.27 18.38 -32.95
N LEU B 470 -1.41 17.81 -32.12
CA LEU B 470 -1.32 16.37 -31.96
C LEU B 470 -2.24 15.89 -30.85
N GLY B 471 -3.06 14.89 -31.14
CA GLY B 471 -3.91 14.26 -30.15
C GLY B 471 -3.50 12.82 -29.93
N TRP B 472 -3.37 12.37 -28.66
CA TRP B 472 -2.99 10.98 -28.41
C TRP B 472 -4.13 10.00 -28.67
N GLY B 473 -5.37 10.46 -28.48
CA GLY B 473 -6.54 9.61 -28.60
C GLY B 473 -7.03 9.13 -27.24
N PHE B 474 -6.31 9.50 -26.19
CA PHE B 474 -6.59 9.11 -24.80
C PHE B 474 -5.77 10.02 -23.90
N GLU B 475 -6.02 9.94 -22.59
CA GLU B 475 -5.24 10.74 -21.66
C GLU B 475 -3.91 10.03 -21.40
N LEU B 476 -2.78 10.73 -21.64
CA LEU B 476 -1.49 10.13 -21.42
C LEU B 476 -1.13 10.36 -19.95
N LYS B 477 -1.54 9.42 -19.07
CA LYS B 477 -1.19 9.54 -17.65
C LYS B 477 0.15 8.82 -17.44
N GLY B 478 0.28 7.66 -18.07
CA GLY B 478 1.49 6.87 -17.91
C GLY B 478 1.67 5.87 -19.03
N SER B 479 2.89 5.34 -19.13
CA SER B 479 3.23 4.31 -20.10
C SER B 479 4.36 3.61 -19.40
N MET B 480 4.40 2.28 -19.41
CA MET B 480 5.46 1.59 -18.65
C MET B 480 6.90 2.07 -18.98
N PRO B 481 7.27 2.45 -20.22
CA PRO B 481 8.61 3.00 -20.46
C PRO B 481 8.79 4.49 -20.04
N SER B 482 7.72 5.16 -19.52
CA SER B 482 7.68 6.59 -19.14
C SER B 482 7.85 7.50 -20.39
N ALA B 483 7.37 7.00 -21.54
CA ALA B 483 7.44 7.71 -22.82
C ALA B 483 6.09 7.66 -23.51
N PRO B 484 5.83 8.56 -24.45
CA PRO B 484 4.54 8.53 -25.15
C PRO B 484 4.27 7.20 -25.86
N LEU B 485 3.00 6.83 -25.89
CA LEU B 485 2.55 5.65 -26.61
C LEU B 485 1.82 6.14 -27.86
N ILE B 486 2.37 5.81 -29.04
CA ILE B 486 1.74 6.14 -30.32
C ILE B 486 1.00 4.88 -30.76
N THR B 487 -0.28 5.03 -31.07
CA THR B 487 -1.12 3.89 -31.45
C THR B 487 -1.85 4.19 -32.76
N GLU B 488 -2.79 3.30 -33.11
CA GLU B 488 -3.63 3.51 -34.31
C GLU B 488 -4.59 4.72 -34.08
N GLN B 489 -4.74 5.17 -32.81
CA GLN B 489 -5.66 6.26 -32.46
C GLN B 489 -5.01 7.64 -32.57
N THR B 490 -3.68 7.71 -32.53
CA THR B 490 -2.94 8.98 -32.56
C THR B 490 -3.27 9.75 -33.82
N TYR B 491 -3.51 11.06 -33.69
CA TYR B 491 -3.94 11.83 -34.86
C TYR B 491 -3.52 13.29 -34.80
N PHE B 492 -3.60 13.99 -35.94
CA PHE B 492 -3.37 15.42 -36.02
C PHE B 492 -4.73 16.12 -36.25
N LYS B 493 -4.87 17.32 -35.68
CA LYS B 493 -6.06 18.17 -35.76
C LYS B 493 -5.85 19.28 -36.80
N ASP B 494 -6.89 19.62 -37.55
CA ASP B 494 -6.88 20.72 -38.53
C ASP B 494 -7.08 22.04 -37.78
N HIS B 495 -7.97 22.04 -36.75
CA HIS B 495 -8.30 23.19 -35.91
C HIS B 495 -7.91 22.92 -34.46
#